data_6WKU
#
_entry.id   6WKU
#
_cell.length_a   128.420
_cell.length_b   128.420
_cell.length_c   104.710
_cell.angle_alpha   90.000
_cell.angle_beta   90.000
_cell.angle_gamma   90.000
#
_symmetry.space_group_name_H-M   'P 41 21 2'
#
loop_
_entity.id
_entity.type
_entity.pdbx_description
1 polymer 'Collagen alpha-3(IV) chain,Collagen alpha-4(IV) chain,Collagen alpha-5(IV) chain'
2 non-polymer 'CHLORIDE ION'
3 non-polymer 'HEXAETHYLENE GLYCOL'
4 non-polymer 'TRIETHYLENE GLYCOL'
5 non-polymer 'TETRAETHYLENE GLYCOL'
6 non-polymer DI(HYDROXYETHYL)ETHER
7 non-polymer 1,2-ETHANEDIOL
8 non-polymer 'PENTAETHYLENE GLYCOL'
9 non-polymer 3,6,9,12,15,18,21-HEPTAOXATRICOSANE-1,23-DIOL
10 water water
#
_entity_poly.entity_id   1
_entity_poly.type   'polypeptide(L)'
_entity_poly.pdbx_seq_one_letter_code
;APLADYKDDDDKLAGATWTTRGFVFTRHSQTTAIPSCPEGTVPLYSGFSFLFVQGNQRAHGQDLGTLGSCLQRFTTMPFL
FCNVNDVCNFASRNDYSYWLSTPALMPMNMAPITGRALEPYISRCTVCEGPAIAIAVHSQTTDIPPCPHGWISLWKGFSF
IMFTSAGSEGTGQALASPGSCLEEFRASPFLECHGRGTCNYYSNSYSFWLASLNPERMFRKPIPSTVKAGELEKIISRCQ
VCMGTGFLLVLHSQTDQEPTCPLGMPRLWTGYSLLYLEGQEKAHNQDLGLAGSCLPVFSTLPFAYCNIHQVCHYAQRNDR
SYWLASAAPLPMMPLSEEAIRPYVSRCAVCEAPAQAVAVHSQDQSIPPCPQTWRSLWIGYSFLMHTGAGDQGGGQALMSP
GSCLEDFRAAPFLECQGRQGTCHFFANKYSFWLTTVKADLQFSSAPAPDTLKESQAQRQKISRCQVCVAPGFLITRHSQT
TDAPQCPQGTLQVYEGFSLLYVQGNKRAHGQDLGTAGSCLRRFSTMPFMFCNINNVCNFASRNDYSYWLSTPEPMPMSMQ
PLKGQSIQPFISRCAVCEAPAVVIAVHSQTIQIPHCPQGWDSLWIGYSFMMHTSAGAEGSGQALASPGSCLEEFRSAPFI
ECHGRGTCNYYANSYSFWLATVDVSDMFSKPQSETLKAGDLRTRISRCQVCMKRT
;
_entity_poly.pdbx_strand_id   A
#
# COMPACT_ATOMS: atom_id res chain seq x y z
N THR A 19 -12.62 -27.51 -0.56
CA THR A 19 -12.73 -26.56 -1.66
C THR A 19 -11.75 -25.40 -1.48
N THR A 20 -11.48 -25.06 -0.23
CA THR A 20 -10.64 -23.90 0.06
C THR A 20 -9.21 -24.11 -0.46
N ARG A 21 -8.62 -23.02 -0.96
CA ARG A 21 -7.27 -23.10 -1.55
C ARG A 21 -6.39 -21.92 -1.13
N GLY A 22 -6.64 -21.35 0.04
CA GLY A 22 -5.71 -20.38 0.59
C GLY A 22 -6.01 -18.93 0.29
N PHE A 23 -7.16 -18.63 -0.29
CA PHE A 23 -7.53 -17.25 -0.60
C PHE A 23 -8.34 -16.70 0.57
N VAL A 24 -7.75 -15.76 1.30
CA VAL A 24 -8.20 -15.35 2.62
C VAL A 24 -8.65 -13.89 2.57
N PHE A 25 -9.83 -13.61 3.10
CA PHE A 25 -10.33 -12.24 3.20
C PHE A 25 -11.02 -12.05 4.53
N THR A 26 -11.34 -10.79 4.84
CA THR A 26 -12.01 -10.43 6.09
C THR A 26 -13.39 -9.86 5.81
N ARG A 27 -14.35 -10.17 6.68
CA ARG A 27 -15.67 -9.54 6.68
C ARG A 27 -15.85 -8.79 7.99
N HIS A 28 -16.44 -7.59 7.92
CA HIS A 28 -16.65 -6.73 9.09
C HIS A 28 -18.14 -6.53 9.33
N SER A 29 -18.58 -6.73 10.57
CA SER A 29 -20.01 -6.56 10.85
C SER A 29 -20.39 -5.10 11.04
N GLN A 30 -19.47 -4.24 11.49
CA GLN A 30 -19.76 -2.88 11.94
C GLN A 30 -20.78 -2.85 13.08
N THR A 31 -20.89 -3.94 13.82
CA THR A 31 -21.75 -4.04 14.99
C THR A 31 -21.01 -4.86 16.04
N THR A 32 -21.67 -5.10 17.17
CA THR A 32 -21.07 -5.99 18.17
C THR A 32 -21.19 -7.46 17.80
N ALA A 33 -21.95 -7.79 16.75
CA ALA A 33 -22.09 -9.16 16.33
C ALA A 33 -20.86 -9.64 15.56
N ILE A 34 -20.45 -10.87 15.82
CA ILE A 34 -19.36 -11.47 15.05
C ILE A 34 -19.96 -11.92 13.72
N PRO A 35 -19.42 -11.48 12.59
CA PRO A 35 -20.05 -11.78 11.30
C PRO A 35 -19.78 -13.23 10.86
N SER A 36 -20.78 -13.81 10.21
CA SER A 36 -20.62 -15.12 9.59
CA SER A 36 -20.59 -15.13 9.61
C SER A 36 -19.92 -15.00 8.24
N CYS A 37 -19.16 -16.04 7.89
CA CYS A 37 -18.52 -16.03 6.58
C CYS A 37 -19.57 -16.25 5.49
N PRO A 38 -19.37 -15.69 4.30
CA PRO A 38 -20.30 -15.93 3.20
C PRO A 38 -20.37 -17.42 2.87
N GLU A 39 -21.51 -17.84 2.33
CA GLU A 39 -21.68 -19.23 1.92
C GLU A 39 -20.60 -19.61 0.91
N GLY A 40 -20.01 -20.79 1.11
CA GLY A 40 -18.92 -21.25 0.29
C GLY A 40 -17.54 -20.92 0.80
N THR A 41 -17.43 -20.24 1.94
CA THR A 41 -16.16 -19.92 2.56
C THR A 41 -16.20 -20.38 4.02
N VAL A 42 -15.02 -20.55 4.61
CA VAL A 42 -14.93 -21.13 5.95
C VAL A 42 -14.18 -20.18 6.89
N PRO A 43 -14.60 -20.06 8.14
CA PRO A 43 -13.96 -19.12 9.05
C PRO A 43 -12.65 -19.66 9.61
N LEU A 44 -11.66 -18.78 9.69
CA LEU A 44 -10.38 -19.11 10.33
C LEU A 44 -10.31 -18.62 11.78
N TYR A 45 -10.74 -17.38 12.03
CA TYR A 45 -10.78 -16.81 13.36
C TYR A 45 -11.58 -15.51 13.27
N SER A 46 -11.95 -14.98 14.43
CA SER A 46 -12.68 -13.71 14.52
C SER A 46 -11.93 -12.74 15.43
N GLY A 47 -12.31 -11.47 15.36
CA GLY A 47 -11.60 -10.46 16.13
C GLY A 47 -12.27 -9.10 16.10
N PHE A 48 -11.46 -8.05 16.22
CA PHE A 48 -11.94 -6.67 16.22
C PHE A 48 -11.42 -5.95 14.99
N SER A 49 -12.24 -5.07 14.44
CA SER A 49 -11.97 -4.42 13.15
C SER A 49 -10.96 -3.29 13.30
N PHE A 50 -9.72 -3.56 12.87
CA PHE A 50 -8.59 -2.66 13.03
C PHE A 50 -8.35 -1.88 11.74
N LEU A 51 -8.27 -0.55 11.84
CA LEU A 51 -8.21 0.30 10.65
CA LEU A 51 -8.21 0.32 10.66
C LEU A 51 -6.80 0.82 10.38
N PHE A 52 -6.22 1.59 11.30
CA PHE A 52 -4.86 2.09 11.09
C PHE A 52 -4.25 2.57 12.39
N VAL A 53 -2.94 2.75 12.37
CA VAL A 53 -2.20 3.34 13.47
C VAL A 53 -1.65 4.68 12.99
N GLN A 54 -1.31 5.51 13.96
CA GLN A 54 -0.65 6.78 13.69
C GLN A 54 0.48 6.90 14.72
N GLY A 55 1.71 6.78 14.26
CA GLY A 55 2.86 6.79 15.16
C GLY A 55 3.88 7.78 14.63
N ASN A 56 4.35 8.67 15.51
CA ASN A 56 5.31 9.71 15.13
C ASN A 56 4.78 10.54 13.97
N GLN A 57 3.46 10.78 13.98
CA GLN A 57 2.72 11.60 13.02
C GLN A 57 2.54 10.92 11.66
N ARG A 58 2.79 9.61 11.56
CA ARG A 58 2.67 8.89 10.30
C ARG A 58 1.58 7.84 10.42
N ALA A 59 0.59 7.89 9.53
CA ALA A 59 -0.46 6.89 9.52
C ALA A 59 -0.04 5.67 8.71
N HIS A 60 -0.41 4.48 9.19
CA HIS A 60 -0.18 3.24 8.45
C HIS A 60 -1.37 2.32 8.68
N GLY A 61 -2.05 1.92 7.61
CA GLY A 61 -3.25 1.14 7.70
C GLY A 61 -3.10 -0.31 7.28
N GLN A 62 -4.14 -1.09 7.58
CA GLN A 62 -4.29 -2.47 7.16
C GLN A 62 -5.56 -2.55 6.31
N ASP A 63 -5.43 -2.99 5.07
CA ASP A 63 -6.58 -3.03 4.16
C ASP A 63 -7.70 -3.86 4.77
N LEU A 64 -8.91 -3.30 4.79
CA LEU A 64 -10.04 -3.93 5.46
C LEU A 64 -10.46 -5.25 4.83
N GLY A 65 -9.97 -5.56 3.62
CA GLY A 65 -10.27 -6.85 3.04
C GLY A 65 -9.29 -7.95 3.41
N THR A 66 -8.24 -7.62 4.16
CA THR A 66 -7.16 -8.54 4.46
C THR A 66 -7.17 -8.88 5.95
N LEU A 67 -6.47 -9.98 6.29
CA LEU A 67 -6.53 -10.44 7.68
C LEU A 67 -5.85 -9.47 8.65
N GLY A 68 -5.02 -8.56 8.14
CA GLY A 68 -4.39 -7.56 9.00
C GLY A 68 -5.37 -6.59 9.64
N SER A 69 -6.59 -6.49 9.11
CA SER A 69 -7.62 -5.64 9.69
C SER A 69 -8.46 -6.37 10.73
N CYS A 70 -8.09 -7.60 11.11
CA CYS A 70 -8.86 -8.34 12.11
C CYS A 70 -7.90 -8.77 13.21
N LEU A 71 -7.86 -8.02 14.30
CA LEU A 71 -7.00 -8.33 15.44
C LEU A 71 -7.84 -8.97 16.53
N GLN A 72 -7.36 -10.10 17.07
CA GLN A 72 -8.16 -10.80 18.06
C GLN A 72 -8.24 -10.04 19.37
N ARG A 73 -7.26 -9.20 19.69
CA ARG A 73 -7.16 -8.58 21.01
C ARG A 73 -7.23 -7.07 20.85
N PHE A 74 -8.31 -6.47 21.34
CA PHE A 74 -8.46 -5.03 21.20
C PHE A 74 -7.64 -4.30 22.24
N THR A 75 -6.98 -3.22 21.82
CA THR A 75 -6.38 -2.27 22.75
C THR A 75 -6.28 -0.92 22.07
N THR A 76 -6.32 0.16 22.87
CA THR A 76 -6.13 1.48 22.27
C THR A 76 -4.69 1.73 21.84
N MET A 77 -3.73 0.92 22.30
CA MET A 77 -2.35 1.08 21.82
C MET A 77 -1.79 -0.28 21.42
N PRO A 78 -2.01 -0.70 20.18
CA PRO A 78 -1.55 -2.02 19.73
C PRO A 78 -0.13 -2.07 19.19
N PHE A 79 0.66 -1.01 19.36
CA PHE A 79 2.04 -1.03 18.87
C PHE A 79 2.97 -0.29 19.84
N LEU A 80 4.28 -0.45 19.62
CA LEU A 80 5.30 0.30 20.33
C LEU A 80 6.37 0.69 19.31
N PHE A 81 7.30 1.54 19.73
CA PHE A 81 8.37 1.93 18.81
C PHE A 81 9.72 1.86 19.52
N CYS A 82 10.77 1.70 18.72
CA CYS A 82 12.12 1.41 19.21
C CYS A 82 13.12 2.28 18.47
N ASN A 83 14.25 2.56 19.11
CA ASN A 83 15.21 3.53 18.58
C ASN A 83 16.59 2.90 18.41
N VAL A 84 17.53 3.70 17.90
CA VAL A 84 18.87 3.18 17.60
C VAL A 84 19.72 2.98 18.84
N ASN A 85 19.26 3.43 20.01
CA ASN A 85 19.91 3.14 21.27
C ASN A 85 19.42 1.83 21.89
N ASP A 86 18.62 1.05 21.16
CA ASP A 86 18.09 -0.22 21.64
C ASP A 86 17.13 -0.02 22.81
N VAL A 87 16.39 1.08 22.80
CA VAL A 87 15.36 1.38 23.78
C VAL A 87 14.02 1.46 23.07
N CYS A 88 12.99 0.82 23.64
CA CYS A 88 11.65 0.89 23.09
C CYS A 88 10.72 1.61 24.06
N ASN A 89 9.70 2.26 23.50
CA ASN A 89 8.72 3.02 24.27
C ASN A 89 7.33 2.57 23.88
N PHE A 90 6.53 2.20 24.89
CA PHE A 90 5.18 1.72 24.68
C PHE A 90 4.20 2.68 25.36
N ALA A 91 3.25 3.22 24.58
CA ALA A 91 2.15 4.06 25.09
C ALA A 91 2.67 5.24 25.91
N SER A 92 3.83 5.77 25.55
CA SER A 92 4.52 6.78 26.34
CA SER A 92 4.49 6.79 26.35
C SER A 92 4.70 8.10 25.60
N ARG A 93 4.13 8.24 24.41
CA ARG A 93 4.33 9.50 23.70
C ARG A 93 2.96 10.06 23.34
N ASN A 94 2.68 10.33 22.06
CA ASN A 94 1.37 10.87 21.69
C ASN A 94 0.86 10.25 20.39
N ASP A 95 0.64 8.93 20.41
CA ASP A 95 0.29 8.16 19.23
C ASP A 95 -1.15 7.65 19.31
N TYR A 96 -1.63 7.09 18.19
CA TYR A 96 -3.06 6.82 18.01
C TYR A 96 -3.28 5.45 17.39
N SER A 97 -4.47 4.90 17.61
CA SER A 97 -4.96 3.77 16.83
C SER A 97 -6.41 4.06 16.45
N TYR A 98 -6.87 3.39 15.39
CA TYR A 98 -8.21 3.63 14.85
C TYR A 98 -8.89 2.31 14.51
N TRP A 99 -10.17 2.22 14.84
CA TRP A 99 -10.94 0.99 14.74
C TRP A 99 -12.31 1.28 14.15
N LEU A 100 -12.83 0.37 13.33
CA LEU A 100 -14.19 0.50 12.85
CA LEU A 100 -14.19 0.50 12.84
C LEU A 100 -15.16 0.41 14.01
N SER A 101 -16.23 1.19 13.96
CA SER A 101 -17.15 1.33 15.09
C SER A 101 -18.54 0.77 14.79
N THR A 102 -19.32 0.63 15.87
CA THR A 102 -20.70 0.17 15.84
C THR A 102 -21.63 1.38 15.85
N PRO A 103 -22.94 1.20 15.75
CA PRO A 103 -23.86 2.34 15.86
C PRO A 103 -24.12 2.82 17.28
N ALA A 104 -23.41 2.29 18.28
CA ALA A 104 -23.64 2.69 19.67
C ALA A 104 -23.49 4.20 19.84
N LEU A 105 -24.40 4.80 20.59
CA LEU A 105 -24.36 6.24 20.77
C LEU A 105 -23.39 6.61 21.89
N MET A 106 -22.72 7.74 21.71
CA MET A 106 -21.74 8.26 22.66
C MET A 106 -22.43 9.04 23.77
N PRO A 107 -21.74 9.23 24.91
CA PRO A 107 -22.33 10.02 26.00
C PRO A 107 -22.68 11.43 25.57
N MET A 108 -23.76 11.94 26.18
CA MET A 108 -24.28 13.25 25.80
C MET A 108 -23.29 14.37 26.11
N ASN A 109 -22.54 14.24 27.20
CA ASN A 109 -21.56 15.26 27.57
C ASN A 109 -20.30 15.21 26.72
N MET A 110 -20.28 14.35 25.70
CA MET A 110 -19.17 14.21 24.76
C MET A 110 -17.91 13.69 25.42
N ALA A 111 -18.03 13.05 26.58
CA ALA A 111 -16.88 12.43 27.22
C ALA A 111 -16.35 11.28 26.36
N PRO A 112 -15.06 11.02 26.40
CA PRO A 112 -14.52 9.84 25.72
C PRO A 112 -14.90 8.58 26.47
N ILE A 113 -14.65 7.44 25.83
CA ILE A 113 -14.89 6.15 26.46
C ILE A 113 -13.55 5.53 26.78
N THR A 114 -13.50 4.81 27.91
CA THR A 114 -12.30 4.09 28.31
C THR A 114 -12.71 2.72 28.84
N GLY A 115 -11.72 1.82 28.96
CA GLY A 115 -11.98 0.57 29.65
C GLY A 115 -12.91 -0.39 28.91
N ARG A 116 -13.41 -1.36 29.67
CA ARG A 116 -14.35 -2.33 29.11
C ARG A 116 -15.57 -1.68 28.50
N ALA A 117 -15.91 -0.45 28.91
CA ALA A 117 -17.01 0.29 28.32
C ALA A 117 -16.82 0.52 26.82
N LEU A 118 -15.60 0.34 26.32
CA LEU A 118 -15.35 0.47 24.89
C LEU A 118 -15.93 -0.68 24.08
N GLU A 119 -16.13 -1.85 24.69
CA GLU A 119 -16.50 -3.02 23.90
C GLU A 119 -17.74 -2.83 23.03
N PRO A 120 -18.83 -2.22 23.50
CA PRO A 120 -20.01 -2.05 22.62
C PRO A 120 -19.77 -1.17 21.42
N TYR A 121 -18.64 -0.47 21.36
CA TYR A 121 -18.38 0.52 20.31
C TYR A 121 -17.50 -0.01 19.19
N ILE A 122 -16.86 -1.17 19.36
CA ILE A 122 -15.86 -1.66 18.41
C ILE A 122 -16.48 -2.72 17.50
N SER A 123 -16.35 -2.51 16.19
CA SER A 123 -16.83 -3.49 15.22
C SER A 123 -16.08 -4.81 15.36
N ARG A 124 -16.77 -5.90 15.04
CA ARG A 124 -16.17 -7.23 15.02
C ARG A 124 -15.95 -7.71 13.59
N CYS A 125 -15.07 -8.70 13.45
CA CYS A 125 -14.72 -9.20 12.12
C CYS A 125 -14.47 -10.69 12.16
N THR A 126 -14.50 -11.31 10.99
CA THR A 126 -14.19 -12.72 10.83
C THR A 126 -13.32 -12.89 9.59
N VAL A 127 -12.26 -13.68 9.71
CA VAL A 127 -11.36 -13.97 8.62
C VAL A 127 -11.80 -15.28 7.97
N CYS A 128 -12.01 -15.25 6.65
CA CYS A 128 -12.61 -16.36 5.94
C CYS A 128 -11.65 -16.87 4.86
N GLU A 129 -11.69 -18.18 4.60
CA GLU A 129 -10.92 -18.75 3.50
C GLU A 129 -11.88 -19.28 2.45
N GLY A 130 -11.60 -18.97 1.19
CA GLY A 130 -12.44 -19.39 0.10
C GLY A 130 -11.68 -20.12 -0.99
N PRO A 131 -12.43 -20.68 -1.96
CA PRO A 131 -11.79 -21.43 -3.05
C PRO A 131 -11.20 -20.54 -4.13
N ALA A 132 -11.47 -19.24 -4.09
CA ALA A 132 -11.00 -18.32 -5.12
C ALA A 132 -10.98 -16.92 -4.55
N ILE A 133 -10.48 -15.97 -5.34
CA ILE A 133 -10.32 -14.61 -4.86
C ILE A 133 -11.69 -13.94 -4.74
N ALA A 134 -11.80 -13.03 -3.78
CA ALA A 134 -12.94 -12.15 -3.62
C ALA A 134 -12.53 -10.73 -4.01
N ILE A 135 -13.37 -10.07 -4.81
CA ILE A 135 -13.11 -8.72 -5.27
C ILE A 135 -14.34 -7.86 -5.01
N ALA A 136 -14.14 -6.55 -5.00
CA ALA A 136 -15.23 -5.59 -4.97
C ALA A 136 -15.39 -4.95 -6.34
N VAL A 137 -16.64 -4.73 -6.75
CA VAL A 137 -16.94 -3.95 -7.93
C VAL A 137 -17.88 -2.83 -7.50
N HIS A 138 -17.74 -1.66 -8.14
CA HIS A 138 -18.46 -0.46 -7.74
C HIS A 138 -19.26 0.09 -8.90
N SER A 139 -20.51 0.46 -8.64
CA SER A 139 -21.36 1.01 -9.70
C SER A 139 -21.08 2.48 -9.97
N GLN A 140 -20.55 3.22 -8.98
CA GLN A 140 -20.44 4.68 -9.04
C GLN A 140 -21.80 5.33 -9.30
N THR A 141 -22.87 4.64 -8.86
CA THR A 141 -24.24 5.15 -8.82
C THR A 141 -24.89 4.68 -7.53
N THR A 142 -26.15 5.06 -7.31
CA THR A 142 -26.89 4.57 -6.16
C THR A 142 -27.49 3.19 -6.40
N ASP A 143 -27.29 2.60 -7.57
CA ASP A 143 -27.72 1.24 -7.86
C ASP A 143 -26.62 0.24 -7.52
N ILE A 144 -27.02 -0.95 -7.12
CA ILE A 144 -26.05 -2.00 -6.82
C ILE A 144 -25.49 -2.55 -8.13
N PRO A 145 -24.17 -2.64 -8.29
CA PRO A 145 -23.63 -3.17 -9.54
C PRO A 145 -23.79 -4.67 -9.59
N PRO A 146 -23.90 -5.25 -10.79
CA PRO A 146 -23.86 -6.71 -10.90
C PRO A 146 -22.45 -7.23 -10.76
N CYS A 147 -22.34 -8.45 -10.27
CA CYS A 147 -21.06 -9.13 -10.28
C CYS A 147 -20.65 -9.41 -11.73
N PRO A 148 -19.36 -9.54 -12.00
CA PRO A 148 -18.93 -9.99 -13.34
C PRO A 148 -19.57 -11.32 -13.69
N HIS A 149 -19.70 -11.56 -14.99
CA HIS A 149 -20.40 -12.75 -15.47
C HIS A 149 -19.72 -14.03 -14.94
N GLY A 150 -20.53 -14.89 -14.32
CA GLY A 150 -20.04 -16.10 -13.73
C GLY A 150 -19.62 -15.99 -12.27
N TRP A 151 -19.41 -14.78 -11.77
CA TRP A 151 -18.97 -14.57 -10.40
C TRP A 151 -20.15 -14.63 -9.43
N ILE A 152 -19.87 -15.04 -8.20
CA ILE A 152 -20.88 -15.28 -7.17
C ILE A 152 -20.86 -14.14 -6.16
N SER A 153 -22.04 -13.63 -5.81
CA SER A 153 -22.13 -12.52 -4.87
C SER A 153 -21.89 -13.00 -3.44
N LEU A 154 -21.02 -12.29 -2.72
CA LEU A 154 -20.79 -12.56 -1.30
C LEU A 154 -21.55 -11.59 -0.40
N TRP A 155 -21.52 -10.29 -0.71
CA TRP A 155 -22.34 -9.30 -0.01
C TRP A 155 -22.43 -8.04 -0.85
N LYS A 156 -23.30 -7.13 -0.42
CA LYS A 156 -23.50 -5.83 -1.05
C LYS A 156 -23.19 -4.72 -0.05
N GLY A 157 -22.89 -3.52 -0.54
CA GLY A 157 -22.53 -2.47 0.37
C GLY A 157 -22.37 -1.09 -0.25
N PHE A 158 -21.54 -0.26 0.38
CA PHE A 158 -21.30 1.12 0.00
C PHE A 158 -19.80 1.34 -0.24
N SER A 159 -19.49 2.16 -1.24
CA SER A 159 -18.13 2.30 -1.78
C SER A 159 -17.27 3.20 -0.87
N PHE A 160 -16.46 2.58 -0.03
CA PHE A 160 -15.66 3.25 0.99
C PHE A 160 -14.21 3.36 0.51
N ILE A 161 -13.62 4.56 0.52
CA ILE A 161 -12.28 4.81 -0.06
CA ILE A 161 -12.29 4.75 -0.05
C ILE A 161 -11.25 5.09 1.00
N MET A 162 -11.48 6.11 1.84
CA MET A 162 -10.40 6.56 2.71
CA MET A 162 -10.41 6.70 2.61
C MET A 162 -10.98 7.35 3.87
N PHE A 163 -10.08 7.81 4.73
CA PHE A 163 -10.47 8.43 5.99
C PHE A 163 -9.30 9.21 6.53
N THR A 164 -9.62 10.28 7.25
CA THR A 164 -8.61 11.10 7.88
C THR A 164 -9.09 11.47 9.26
N SER A 165 -8.15 11.66 10.19
CA SER A 165 -8.57 12.12 11.51
C SER A 165 -7.53 13.10 12.05
N ALA A 166 -6.85 12.74 13.15
CA ALA A 166 -5.92 13.69 13.77
C ALA A 166 -4.82 14.12 12.81
N GLY A 167 -4.57 15.42 12.73
CA GLY A 167 -3.56 15.95 11.84
C GLY A 167 -3.83 15.74 10.36
N SER A 168 -5.08 15.38 10.03
CA SER A 168 -5.49 14.99 8.68
C SER A 168 -4.75 13.76 8.17
N GLU A 169 -4.17 12.97 9.08
CA GLU A 169 -3.57 11.71 8.69
C GLU A 169 -4.65 10.66 8.52
N GLY A 170 -4.38 9.70 7.64
CA GLY A 170 -5.31 8.61 7.46
C GLY A 170 -4.78 7.68 6.41
N THR A 171 -5.64 6.75 5.99
CA THR A 171 -5.27 5.86 4.89
C THR A 171 -6.55 5.40 4.20
N GLY A 172 -6.41 4.45 3.28
CA GLY A 172 -7.52 4.11 2.41
C GLY A 172 -7.54 2.65 2.03
N GLN A 173 -8.54 2.30 1.23
CA GLN A 173 -8.73 0.93 0.77
C GLN A 173 -8.45 0.84 -0.73
N ALA A 174 -7.96 -0.33 -1.14
CA ALA A 174 -7.85 -0.61 -2.57
C ALA A 174 -9.23 -0.83 -3.15
N LEU A 175 -9.52 -0.20 -4.29
CA LEU A 175 -10.91 -0.17 -4.74
C LEU A 175 -11.41 -1.49 -5.32
N ALA A 176 -10.55 -2.49 -5.54
CA ALA A 176 -11.02 -3.84 -5.85
C ALA A 176 -10.93 -4.78 -4.67
N SER A 177 -10.55 -4.27 -3.51
CA SER A 177 -10.53 -5.07 -2.28
C SER A 177 -11.92 -5.13 -1.67
N PRO A 178 -12.31 -6.28 -1.07
CA PRO A 178 -13.57 -6.31 -0.31
C PRO A 178 -13.62 -5.23 0.76
N GLY A 179 -12.44 -4.75 1.19
CA GLY A 179 -12.38 -3.70 2.19
C GLY A 179 -12.93 -2.36 1.73
N SER A 180 -13.09 -2.16 0.42
CA SER A 180 -13.70 -0.93 -0.08
C SER A 180 -15.22 -1.04 -0.16
N CYS A 181 -15.81 -2.12 0.36
CA CYS A 181 -17.25 -2.34 0.27
C CYS A 181 -17.79 -2.63 1.67
N LEU A 182 -18.18 -1.56 2.38
CA LEU A 182 -18.73 -1.71 3.73
C LEU A 182 -20.23 -1.97 3.65
N GLU A 183 -20.70 -2.94 4.42
CA GLU A 183 -22.10 -3.36 4.29
C GLU A 183 -23.07 -2.35 4.87
N GLU A 184 -22.65 -1.52 5.81
CA GLU A 184 -23.51 -0.48 6.37
C GLU A 184 -22.89 0.89 6.15
N PHE A 185 -23.66 1.81 5.58
CA PHE A 185 -23.15 3.17 5.44
C PHE A 185 -23.10 3.87 6.80
N ARG A 186 -22.00 4.57 7.06
CA ARG A 186 -21.83 5.35 8.28
C ARG A 186 -21.10 6.64 7.94
N ALA A 187 -21.72 7.79 8.21
CA ALA A 187 -20.97 9.04 8.13
C ALA A 187 -19.79 9.03 9.09
N SER A 188 -19.93 8.33 10.23
CA SER A 188 -18.87 8.22 11.23
C SER A 188 -18.57 6.73 11.46
N PRO A 189 -17.83 6.10 10.55
CA PRO A 189 -17.59 4.66 10.64
C PRO A 189 -16.46 4.25 11.56
N PHE A 190 -15.70 5.18 12.15
CA PHE A 190 -14.51 4.77 12.90
C PHE A 190 -14.27 5.66 14.11
N LEU A 191 -13.62 5.07 15.11
CA LEU A 191 -13.22 5.75 16.34
C LEU A 191 -11.72 6.06 16.33
N GLU A 192 -11.37 7.20 16.94
CA GLU A 192 -9.99 7.57 17.20
C GLU A 192 -9.64 7.22 18.64
N CYS A 193 -8.58 6.42 18.82
CA CYS A 193 -8.12 6.03 20.14
C CYS A 193 -6.70 6.50 20.38
N HIS A 194 -6.33 6.60 21.66
CA HIS A 194 -5.05 7.19 22.07
C HIS A 194 -4.28 6.21 22.95
N GLY A 195 -2.94 6.32 22.91
CA GLY A 195 -2.13 5.59 23.87
C GLY A 195 -2.54 5.85 25.31
N ARG A 196 -3.13 7.04 25.57
CA ARG A 196 -3.66 7.37 26.89
C ARG A 196 -4.76 6.42 27.35
N GLY A 197 -5.47 5.77 26.42
CA GLY A 197 -6.53 4.81 26.78
C GLY A 197 -7.94 5.25 26.42
N THR A 198 -8.11 6.44 25.87
CA THR A 198 -9.41 6.98 25.48
C THR A 198 -9.69 6.73 24.00
N CYS A 199 -10.98 6.60 23.66
CA CYS A 199 -11.46 6.67 22.28
C CYS A 199 -12.63 7.64 22.19
N ASN A 200 -12.76 8.30 21.05
CA ASN A 200 -13.88 9.20 20.85
C ASN A 200 -13.99 9.47 19.35
N TYR A 201 -15.12 10.08 18.97
CA TYR A 201 -15.27 10.72 17.67
C TYR A 201 -14.86 12.19 17.79
N TYR A 202 -14.21 12.71 16.75
CA TYR A 202 -13.82 14.12 16.75
C TYR A 202 -14.38 14.79 15.50
N SER A 203 -14.50 16.12 15.59
CA SER A 203 -15.15 16.84 14.50
CA SER A 203 -15.11 16.90 14.52
C SER A 203 -14.32 16.86 13.22
N ASN A 204 -13.03 16.54 13.28
CA ASN A 204 -12.28 16.41 12.04
C ASN A 204 -12.12 14.97 11.57
N SER A 205 -12.87 14.03 12.14
CA SER A 205 -12.81 12.63 11.71
C SER A 205 -13.69 12.50 10.48
N TYR A 206 -13.07 12.30 9.31
CA TYR A 206 -13.76 12.34 8.04
C TYR A 206 -13.73 10.98 7.34
N SER A 207 -14.83 10.61 6.68
CA SER A 207 -14.88 9.42 5.85
C SER A 207 -15.10 9.82 4.40
N PHE A 208 -14.42 9.13 3.48
CA PHE A 208 -14.51 9.45 2.06
C PHE A 208 -15.07 8.24 1.33
N TRP A 209 -16.01 8.51 0.42
CA TRP A 209 -16.75 7.49 -0.30
C TRP A 209 -16.74 7.81 -1.78
N LEU A 210 -16.75 6.78 -2.64
CA LEU A 210 -17.00 7.06 -4.05
C LEU A 210 -18.38 7.67 -4.20
N ALA A 211 -18.48 8.65 -5.09
CA ALA A 211 -19.74 9.36 -5.27
C ALA A 211 -20.59 8.70 -6.36
N SER A 212 -21.90 8.92 -6.25
CA SER A 212 -22.83 8.56 -7.31
C SER A 212 -22.70 9.58 -8.43
N LEU A 213 -22.28 9.14 -9.61
CA LEU A 213 -21.95 10.05 -10.71
C LEU A 213 -22.92 9.87 -11.87
N ASN A 214 -23.08 10.95 -12.64
CA ASN A 214 -23.82 10.90 -13.90
C ASN A 214 -22.83 10.57 -15.00
N PRO A 215 -22.91 9.38 -15.63
CA PRO A 215 -21.87 9.01 -16.60
C PRO A 215 -21.88 9.86 -17.85
N GLU A 216 -22.96 10.61 -18.09
CA GLU A 216 -22.94 11.54 -19.21
C GLU A 216 -22.15 12.80 -18.92
N ARG A 217 -21.80 13.04 -17.65
CA ARG A 217 -21.10 14.27 -17.26
C ARG A 217 -19.67 14.00 -16.84
N MET A 218 -19.06 12.92 -17.35
CA MET A 218 -17.70 12.58 -16.94
C MET A 218 -16.76 13.76 -17.12
N PHE A 219 -16.86 14.45 -18.25
CA PHE A 219 -15.90 15.51 -18.54
C PHE A 219 -16.59 16.87 -18.41
N ARG A 220 -17.34 17.07 -17.33
CA ARG A 220 -17.96 18.35 -17.05
CA ARG A 220 -18.01 18.33 -17.05
C ARG A 220 -17.78 18.67 -15.58
N LYS A 221 -18.01 19.94 -15.25
CA LYS A 221 -17.77 20.41 -13.88
C LYS A 221 -18.68 19.68 -12.90
N PRO A 222 -18.16 19.22 -11.77
CA PRO A 222 -19.02 18.61 -10.75
C PRO A 222 -20.09 19.56 -10.24
N ILE A 223 -21.26 19.01 -9.92
CA ILE A 223 -22.36 19.77 -9.33
C ILE A 223 -22.26 19.61 -7.81
N PRO A 224 -22.06 20.70 -7.06
CA PRO A 224 -21.90 20.57 -5.61
C PRO A 224 -23.19 20.16 -4.90
N SER A 225 -23.03 19.44 -3.80
CA SER A 225 -24.17 18.99 -3.02
C SER A 225 -23.75 18.84 -1.56
N THR A 226 -24.62 19.25 -0.65
CA THR A 226 -24.47 18.95 0.77
C THR A 226 -25.75 18.27 1.22
N VAL A 227 -25.62 17.11 1.86
CA VAL A 227 -26.77 16.31 2.31
C VAL A 227 -26.69 16.14 3.82
N LYS A 228 -27.85 15.95 4.45
CA LYS A 228 -27.94 15.77 5.89
C LYS A 228 -28.62 14.44 6.21
N ALA A 229 -28.70 14.14 7.51
CA ALA A 229 -29.23 12.86 7.98
C ALA A 229 -30.58 12.56 7.35
N GLY A 230 -30.73 11.32 6.89
CA GLY A 230 -31.91 10.90 6.18
C GLY A 230 -31.76 10.88 4.68
N GLU A 231 -30.79 11.60 4.13
CA GLU A 231 -30.55 11.62 2.70
C GLU A 231 -29.09 11.40 2.34
N LEU A 232 -28.25 10.97 3.29
CA LEU A 232 -26.82 10.88 3.01
C LEU A 232 -26.52 9.92 1.88
N GLU A 233 -27.24 8.79 1.84
CA GLU A 233 -26.93 7.75 0.85
C GLU A 233 -27.31 8.16 -0.57
N LYS A 234 -27.99 9.29 -0.76
CA LYS A 234 -28.38 9.68 -2.10
C LYS A 234 -27.20 10.06 -2.99
N ILE A 235 -26.01 10.27 -2.44
CA ILE A 235 -24.85 10.65 -3.23
C ILE A 235 -23.73 9.62 -3.18
N ILE A 236 -23.99 8.43 -2.63
CA ILE A 236 -22.94 7.45 -2.33
C ILE A 236 -23.03 6.28 -3.31
N SER A 237 -21.87 5.92 -3.89
CA SER A 237 -21.76 4.75 -4.77
C SER A 237 -22.02 3.44 -4.00
N ARG A 238 -22.52 2.44 -4.71
CA ARG A 238 -22.80 1.11 -4.17
C ARG A 238 -21.81 0.09 -4.75
N CYS A 239 -21.75 -1.06 -4.10
CA CYS A 239 -20.78 -2.07 -4.49
C CYS A 239 -21.30 -3.46 -4.19
N GLN A 240 -20.63 -4.45 -4.77
CA GLN A 240 -20.80 -5.85 -4.42
C GLN A 240 -19.43 -6.47 -4.24
N VAL A 241 -19.32 -7.42 -3.32
CA VAL A 241 -18.14 -8.27 -3.21
C VAL A 241 -18.49 -9.60 -3.85
N CYS A 242 -17.63 -10.05 -4.77
CA CYS A 242 -17.93 -11.15 -5.68
C CYS A 242 -16.75 -12.13 -5.68
N MET A 243 -17.05 -13.41 -5.88
CA MET A 243 -16.03 -14.45 -5.94
C MET A 243 -16.14 -15.19 -7.26
N GLY A 244 -15.00 -15.40 -7.89
N GLY A 244 -15.01 -15.52 -7.87
CA GLY A 244 -14.91 -16.08 -9.16
CA GLY A 244 -15.04 -16.23 -9.14
C GLY A 244 -13.52 -16.62 -9.33
C GLY A 244 -14.10 -17.43 -9.14
N THR A 245 -13.39 -17.56 -10.26
CA THR A 245 -12.13 -18.28 -10.37
C THR A 245 -11.22 -17.42 -11.24
N GLY A 246 -9.93 -17.55 -11.02
CA GLY A 246 -8.98 -16.74 -11.76
C GLY A 246 -8.53 -15.53 -10.99
N PHE A 247 -7.70 -14.74 -11.65
CA PHE A 247 -7.08 -13.56 -11.08
C PHE A 247 -7.37 -12.38 -11.99
N LEU A 248 -7.14 -11.18 -11.48
CA LEU A 248 -7.37 -9.97 -12.24
C LEU A 248 -6.05 -9.46 -12.82
N LEU A 249 -6.06 -9.18 -14.11
CA LEU A 249 -4.94 -8.54 -14.81
C LEU A 249 -5.41 -7.17 -15.26
N VAL A 250 -4.61 -6.14 -14.97
CA VAL A 250 -4.96 -4.76 -15.28
C VAL A 250 -4.00 -4.23 -16.34
N LEU A 251 -4.56 -3.61 -17.38
CA LEU A 251 -3.79 -3.02 -18.47
C LEU A 251 -4.09 -1.53 -18.53
N HIS A 252 -3.06 -0.72 -18.72
CA HIS A 252 -3.22 0.72 -18.90
C HIS A 252 -2.65 1.10 -20.25
N SER A 253 -3.48 1.72 -21.10
CA SER A 253 -3.03 1.98 -22.46
C SER A 253 -2.06 3.14 -22.56
N GLN A 254 -2.10 4.08 -21.61
CA GLN A 254 -1.39 5.36 -21.72
C GLN A 254 -1.79 6.12 -22.99
N THR A 255 -2.98 5.85 -23.51
CA THR A 255 -3.57 6.55 -24.65
C THR A 255 -5.05 6.76 -24.37
N ASP A 256 -5.75 7.47 -25.26
CA ASP A 256 -7.18 7.63 -25.07
C ASP A 256 -8.00 6.47 -25.64
N GLN A 257 -7.34 5.35 -25.98
CA GLN A 257 -7.99 4.16 -26.49
CA GLN A 257 -8.01 4.16 -26.49
C GLN A 257 -7.96 3.04 -25.45
N GLU A 258 -9.06 2.30 -25.35
CA GLU A 258 -9.12 1.17 -24.42
C GLU A 258 -8.16 0.08 -24.87
N PRO A 259 -7.40 -0.52 -23.95
CA PRO A 259 -6.54 -1.64 -24.32
C PRO A 259 -7.33 -2.92 -24.48
N THR A 260 -6.72 -3.86 -25.21
CA THR A 260 -7.31 -5.18 -25.47
CA THR A 260 -7.34 -5.17 -25.45
C THR A 260 -6.64 -6.21 -24.58
N CYS A 261 -7.43 -7.15 -24.06
CA CYS A 261 -6.91 -8.16 -23.15
C CYS A 261 -6.05 -9.18 -23.90
N PRO A 262 -5.12 -9.83 -23.20
CA PRO A 262 -4.37 -10.93 -23.84
C PRO A 262 -5.32 -12.02 -24.32
N LEU A 263 -4.92 -12.67 -25.41
CA LEU A 263 -5.72 -13.74 -25.97
C LEU A 263 -6.02 -14.80 -24.91
N GLY A 264 -7.29 -15.18 -24.82
CA GLY A 264 -7.74 -16.16 -23.85
C GLY A 264 -8.16 -15.61 -22.52
N MET A 265 -8.04 -14.30 -22.30
CA MET A 265 -8.44 -13.70 -21.03
C MET A 265 -9.67 -12.83 -21.24
N PRO A 266 -10.83 -13.21 -20.70
CA PRO A 266 -12.03 -12.40 -20.92
C PRO A 266 -11.90 -11.03 -20.28
N ARG A 267 -12.43 -10.02 -20.96
CA ARG A 267 -12.40 -8.66 -20.44
C ARG A 267 -13.59 -8.46 -19.49
N LEU A 268 -13.29 -8.06 -18.26
CA LEU A 268 -14.36 -7.83 -17.28
C LEU A 268 -14.93 -6.42 -17.36
N TRP A 269 -14.08 -5.42 -17.49
CA TRP A 269 -14.54 -4.04 -17.71
C TRP A 269 -13.40 -3.20 -18.24
N THR A 270 -13.76 -2.01 -18.71
CA THR A 270 -12.79 -0.99 -19.09
C THR A 270 -13.09 0.28 -18.31
N GLY A 271 -12.16 1.22 -18.36
CA GLY A 271 -12.34 2.44 -17.62
C GLY A 271 -11.23 3.45 -17.85
N TYR A 272 -11.00 4.29 -16.85
CA TYR A 272 -10.01 5.34 -16.89
C TYR A 272 -8.97 5.10 -15.79
N SER A 273 -7.70 5.38 -16.10
CA SER A 273 -6.56 4.98 -15.27
C SER A 273 -6.43 5.90 -14.07
N LEU A 274 -6.89 5.46 -12.91
CA LEU A 274 -6.84 6.24 -11.69
C LEU A 274 -5.51 6.03 -10.98
N LEU A 275 -4.79 7.12 -10.72
CA LEU A 275 -3.50 7.06 -10.02
C LEU A 275 -3.68 7.30 -8.52
N TYR A 276 -4.24 8.44 -8.14
CA TYR A 276 -4.58 8.63 -6.73
C TYR A 276 -5.61 9.72 -6.54
N LEU A 277 -6.26 9.66 -5.39
CA LEU A 277 -7.22 10.65 -4.96
C LEU A 277 -6.63 11.42 -3.78
N GLU A 278 -7.02 12.68 -3.61
CA GLU A 278 -6.48 13.47 -2.52
C GLU A 278 -7.61 14.17 -1.78
N GLY A 279 -7.82 13.79 -0.52
CA GLY A 279 -8.81 14.45 0.32
C GLY A 279 -8.16 15.03 1.56
N GLN A 280 -8.46 16.30 1.86
CA GLN A 280 -7.83 17.02 2.97
C GLN A 280 -6.30 16.91 2.86
N GLU A 281 -5.81 17.04 1.62
CA GLU A 281 -4.38 17.07 1.32
C GLU A 281 -3.68 15.76 1.69
N LYS A 282 -4.40 14.66 1.71
CA LYS A 282 -3.82 13.34 1.96
C LYS A 282 -4.05 12.46 0.75
N ALA A 283 -2.97 11.96 0.16
CA ALA A 283 -3.09 11.10 -1.01
C ALA A 283 -3.52 9.70 -0.63
N HIS A 284 -4.42 9.13 -1.43
CA HIS A 284 -4.73 7.69 -1.35
C HIS A 284 -4.55 7.09 -2.74
N ASN A 285 -3.52 6.27 -2.90
CA ASN A 285 -3.13 5.74 -4.19
CA ASN A 285 -3.08 5.73 -4.17
C ASN A 285 -3.80 4.41 -4.49
N GLN A 286 -3.98 4.15 -5.79
CA GLN A 286 -4.38 2.83 -6.28
C GLN A 286 -3.22 2.24 -7.05
N ASP A 287 -2.77 1.06 -6.66
CA ASP A 287 -1.69 0.41 -7.40
C ASP A 287 -2.15 0.12 -8.82
N LEU A 288 -1.31 0.51 -9.81
CA LEU A 288 -1.73 0.40 -11.20
C LEU A 288 -1.85 -1.05 -11.67
N GLY A 289 -1.34 -2.01 -10.90
CA GLY A 289 -1.55 -3.41 -11.23
C GLY A 289 -2.77 -4.04 -10.60
N LEU A 290 -3.51 -3.27 -9.81
CA LEU A 290 -4.72 -3.75 -9.14
C LEU A 290 -5.94 -3.12 -9.79
N ALA A 291 -7.06 -3.85 -9.76
CA ALA A 291 -8.24 -3.41 -10.53
C ALA A 291 -8.86 -2.14 -9.97
N GLY A 292 -8.52 -1.76 -8.73
CA GLY A 292 -8.97 -0.48 -8.22
C GLY A 292 -8.42 0.72 -8.96
N SER A 293 -7.38 0.55 -9.77
CA SER A 293 -6.88 1.65 -10.58
C SER A 293 -7.64 1.81 -11.89
N CYS A 294 -8.70 1.04 -12.12
CA CYS A 294 -9.46 1.12 -13.38
C CYS A 294 -10.91 1.44 -13.06
N LEU A 295 -11.26 2.74 -13.15
CA LEU A 295 -12.60 3.21 -12.81
C LEU A 295 -13.42 3.40 -14.07
N PRO A 296 -14.58 2.74 -14.19
CA PRO A 296 -15.37 2.91 -15.43
C PRO A 296 -15.84 4.33 -15.67
N VAL A 297 -16.12 5.11 -14.63
CA VAL A 297 -16.69 6.46 -14.79
C VAL A 297 -15.66 7.46 -14.30
N PHE A 298 -15.14 8.26 -15.22
CA PHE A 298 -14.24 9.35 -14.88
C PHE A 298 -15.00 10.52 -14.26
N SER A 299 -14.32 11.24 -13.37
CA SER A 299 -14.74 12.57 -12.93
C SER A 299 -13.51 13.30 -12.43
N THR A 300 -13.53 14.63 -12.54
CA THR A 300 -12.47 15.38 -11.87
C THR A 300 -12.59 15.26 -10.35
N LEU A 301 -13.74 14.83 -9.86
CA LEU A 301 -13.96 14.63 -8.41
C LEU A 301 -14.85 13.42 -8.21
N PRO A 302 -14.29 12.22 -8.20
CA PRO A 302 -15.12 11.01 -8.12
C PRO A 302 -15.55 10.60 -6.71
N PHE A 303 -15.34 11.45 -5.70
CA PHE A 303 -15.63 11.08 -4.32
C PHE A 303 -16.27 12.24 -3.56
N ALA A 304 -16.92 11.89 -2.44
CA ALA A 304 -17.50 12.83 -1.49
C ALA A 304 -16.93 12.51 -0.10
N TYR A 305 -17.17 13.38 0.88
CA TYR A 305 -16.75 13.07 2.24
C TYR A 305 -17.86 13.42 3.24
N CYS A 306 -17.80 12.76 4.40
CA CYS A 306 -18.80 12.91 5.44
C CYS A 306 -18.13 13.20 6.77
N ASN A 307 -18.85 13.89 7.66
CA ASN A 307 -18.35 14.21 8.99
C ASN A 307 -19.25 13.58 10.05
N ILE A 308 -18.79 13.63 11.30
CA ILE A 308 -19.49 12.90 12.36
C ILE A 308 -20.82 13.52 12.73
N HIS A 309 -21.12 14.71 12.20
CA HIS A 309 -22.41 15.33 12.47
C HIS A 309 -23.48 14.92 11.45
N GLN A 310 -23.23 13.85 10.70
CA GLN A 310 -24.19 13.23 9.80
C GLN A 310 -24.50 14.18 8.64
N VAL A 311 -23.45 14.76 8.08
CA VAL A 311 -23.50 15.65 6.93
C VAL A 311 -22.44 15.16 5.95
N CYS A 312 -22.78 15.11 4.65
CA CYS A 312 -21.80 14.75 3.64
C CYS A 312 -21.73 15.88 2.62
N HIS A 313 -20.52 16.15 2.14
CA HIS A 313 -20.27 17.22 1.17
C HIS A 313 -19.69 16.63 -0.10
N TYR A 314 -20.24 17.03 -1.25
CA TYR A 314 -19.66 16.70 -2.54
C TYR A 314 -19.30 18.00 -3.25
N ALA A 315 -18.03 18.14 -3.64
CA ALA A 315 -17.57 19.28 -4.44
C ALA A 315 -17.79 20.60 -3.71
N GLN A 316 -17.43 20.64 -2.42
CA GLN A 316 -17.61 21.84 -1.63
C GLN A 316 -16.31 22.40 -1.05
N ARG A 317 -15.16 21.80 -1.34
CA ARG A 317 -13.92 22.30 -0.76
C ARG A 317 -12.79 22.38 -1.78
N ASN A 318 -11.68 21.67 -1.59
CA ASN A 318 -10.53 21.89 -2.48
C ASN A 318 -9.81 20.58 -2.78
N ASP A 319 -10.55 19.48 -2.91
CA ASP A 319 -9.93 18.18 -3.10
C ASP A 319 -9.63 17.95 -4.58
N ARG A 320 -8.83 16.92 -4.89
CA ARG A 320 -8.43 16.72 -6.29
C ARG A 320 -8.19 15.24 -6.59
N SER A 321 -7.90 14.95 -7.86
CA SER A 321 -7.69 13.59 -8.34
CA SER A 321 -7.69 13.60 -8.33
C SER A 321 -6.53 13.59 -9.31
N TYR A 322 -5.93 12.41 -9.49
CA TYR A 322 -4.80 12.23 -10.39
C TYR A 322 -5.01 10.96 -11.21
N TRP A 323 -4.69 11.05 -12.50
CA TRP A 323 -4.95 9.99 -13.46
C TRP A 323 -3.72 9.80 -14.34
N LEU A 324 -3.50 8.57 -14.80
CA LEU A 324 -2.48 8.36 -15.83
C LEU A 324 -2.89 9.10 -17.10
N ALA A 325 -1.89 9.56 -17.85
CA ALA A 325 -2.13 10.45 -18.98
C ALA A 325 -1.85 9.76 -20.31
N SER A 326 -2.45 10.30 -21.36
CA SER A 326 -2.11 9.92 -22.73
C SER A 326 -0.87 10.69 -23.18
N ALA A 327 -0.47 10.48 -24.44
CA ALA A 327 0.67 11.19 -25.01
C ALA A 327 0.26 12.42 -25.82
N ALA A 328 -0.96 12.92 -25.60
CA ALA A 328 -1.36 14.14 -26.28
C ALA A 328 -0.46 15.30 -25.87
N PRO A 329 -0.28 16.31 -26.73
CA PRO A 329 0.72 17.34 -26.46
C PRO A 329 0.40 18.15 -25.22
N LEU A 330 1.45 18.51 -24.49
CA LEU A 330 1.31 19.22 -23.22
C LEU A 330 0.50 20.50 -23.40
N PRO A 331 -0.53 20.72 -22.59
CA PRO A 331 -1.29 21.96 -22.70
C PRO A 331 -0.59 23.14 -22.03
N MET A 332 -0.82 24.33 -22.59
CA MET A 332 -0.25 25.56 -22.05
C MET A 332 -1.07 26.14 -20.89
N MET A 333 -2.29 25.67 -20.68
CA MET A 333 -3.13 26.10 -19.57
C MET A 333 -4.09 24.97 -19.27
N PRO A 334 -4.75 25.00 -18.11
CA PRO A 334 -5.60 23.86 -17.74
C PRO A 334 -6.65 23.55 -18.80
N LEU A 335 -6.88 22.25 -19.00
CA LEU A 335 -7.90 21.75 -19.90
C LEU A 335 -9.25 21.76 -19.19
N SER A 336 -10.25 22.36 -19.83
CA SER A 336 -11.55 22.54 -19.20
C SER A 336 -12.57 21.58 -19.80
N GLU A 337 -13.25 20.83 -18.92
CA GLU A 337 -14.37 19.97 -19.26
C GLU A 337 -14.08 19.05 -20.44
N GLU A 338 -14.77 19.21 -21.57
CA GLU A 338 -14.63 18.24 -22.66
CA GLU A 338 -14.64 18.24 -22.66
CA GLU A 338 -14.64 18.24 -22.66
C GLU A 338 -13.21 18.17 -23.18
N ALA A 339 -12.42 19.25 -23.03
CA ALA A 339 -11.04 19.23 -23.51
C ALA A 339 -10.19 18.21 -22.77
N ILE A 340 -10.65 17.74 -21.61
CA ILE A 340 -9.91 16.77 -20.81
C ILE A 340 -9.79 15.42 -21.51
N ARG A 341 -10.83 15.04 -22.25
CA ARG A 341 -10.99 13.63 -22.64
C ARG A 341 -9.78 13.02 -23.34
N PRO A 342 -9.15 13.67 -24.34
CA PRO A 342 -8.02 13.02 -25.02
C PRO A 342 -6.78 12.84 -24.17
N TYR A 343 -6.76 13.38 -22.94
CA TYR A 343 -5.57 13.35 -22.10
C TYR A 343 -5.58 12.25 -21.05
N VAL A 344 -6.68 11.54 -20.85
CA VAL A 344 -6.77 10.55 -19.77
C VAL A 344 -6.55 9.15 -20.32
N SER A 345 -5.62 8.42 -19.72
CA SER A 345 -5.35 7.04 -20.10
C SER A 345 -6.56 6.15 -19.82
N ARG A 346 -6.75 5.14 -20.68
CA ARG A 346 -7.79 4.13 -20.52
C ARG A 346 -7.21 2.84 -19.99
N CYS A 347 -8.09 1.97 -19.50
CA CYS A 347 -7.62 0.72 -18.91
C CYS A 347 -8.62 -0.39 -19.15
N ALA A 348 -8.16 -1.62 -18.96
CA ALA A 348 -9.00 -2.81 -19.04
C ALA A 348 -8.66 -3.73 -17.89
N VAL A 349 -9.66 -4.45 -17.40
CA VAL A 349 -9.46 -5.46 -16.37
C VAL A 349 -9.87 -6.79 -16.99
N CYS A 350 -8.95 -7.76 -16.96
CA CYS A 350 -9.07 -9.02 -17.65
C CYS A 350 -9.01 -10.17 -16.65
N GLU A 351 -9.71 -11.25 -16.96
CA GLU A 351 -9.71 -12.45 -16.11
C GLU A 351 -8.59 -13.38 -16.57
N ALA A 352 -7.53 -13.54 -15.69
CA ALA A 352 -6.33 -14.31 -15.99
C ALA A 352 -6.35 -15.66 -15.28
N PRO A 353 -5.69 -16.67 -15.87
CA PRO A 353 -5.68 -18.01 -15.25
C PRO A 353 -4.68 -18.15 -14.12
N ALA A 354 -3.77 -17.20 -13.97
CA ALA A 354 -2.75 -17.20 -12.92
C ALA A 354 -2.35 -15.75 -12.69
N GLN A 355 -1.52 -15.51 -11.68
CA GLN A 355 -1.13 -14.15 -11.31
CA GLN A 355 -1.12 -14.16 -11.30
C GLN A 355 -0.01 -13.65 -12.21
N ALA A 356 -0.16 -12.42 -12.71
CA ALA A 356 0.88 -11.77 -13.48
C ALA A 356 1.77 -10.96 -12.53
N VAL A 357 3.07 -10.96 -12.81
CA VAL A 357 4.05 -10.21 -12.03
C VAL A 357 4.97 -9.49 -12.99
N ALA A 358 5.60 -8.43 -12.49
CA ALA A 358 6.63 -7.71 -13.25
C ALA A 358 8.01 -8.18 -12.82
N VAL A 359 8.89 -8.32 -13.82
CA VAL A 359 10.30 -8.63 -13.62
CA VAL A 359 10.29 -8.61 -13.58
C VAL A 359 11.09 -7.42 -14.10
N HIS A 360 12.08 -6.98 -13.32
CA HIS A 360 12.86 -5.79 -13.66
C HIS A 360 14.33 -6.15 -13.79
N SER A 361 15.01 -5.51 -14.74
CA SER A 361 16.39 -5.91 -15.00
C SER A 361 17.42 -5.00 -14.34
N GLN A 362 17.07 -3.77 -13.97
CA GLN A 362 18.05 -2.74 -13.62
C GLN A 362 19.15 -2.68 -14.67
N ASP A 363 18.76 -2.80 -15.94
CA ASP A 363 19.71 -2.93 -17.04
C ASP A 363 19.02 -2.43 -18.31
N GLN A 364 19.81 -2.12 -19.34
CA GLN A 364 19.18 -1.76 -20.61
C GLN A 364 18.57 -2.98 -21.29
N SER A 365 19.01 -4.18 -20.96
CA SER A 365 18.46 -5.38 -21.56
CA SER A 365 18.46 -5.38 -21.55
C SER A 365 17.09 -5.70 -20.97
N ILE A 366 16.22 -6.23 -21.81
CA ILE A 366 14.90 -6.67 -21.34
C ILE A 366 15.07 -7.94 -20.53
N PRO A 367 14.56 -8.00 -19.30
CA PRO A 367 14.70 -9.24 -18.53
C PRO A 367 13.77 -10.31 -19.09
N PRO A 368 14.27 -11.53 -19.27
CA PRO A 368 13.42 -12.59 -19.80
C PRO A 368 12.48 -13.15 -18.75
N CYS A 369 11.29 -13.54 -19.20
CA CYS A 369 10.43 -14.32 -18.34
C CYS A 369 11.08 -15.68 -18.08
N PRO A 370 11.00 -16.20 -16.85
CA PRO A 370 11.41 -17.58 -16.63
C PRO A 370 10.73 -18.51 -17.63
N GLN A 371 11.43 -19.55 -18.07
CA GLN A 371 10.85 -20.45 -19.05
CA GLN A 371 10.86 -20.47 -19.05
C GLN A 371 9.58 -21.08 -18.49
N THR A 372 8.59 -21.27 -19.37
CA THR A 372 7.23 -21.74 -19.09
C THR A 372 6.31 -20.62 -18.59
N TRP A 373 6.87 -19.49 -18.13
CA TRP A 373 6.03 -18.35 -17.77
C TRP A 373 5.65 -17.59 -19.04
N ARG A 374 4.36 -17.28 -19.17
CA ARG A 374 3.87 -16.60 -20.35
C ARG A 374 4.19 -15.11 -20.29
N SER A 375 4.83 -14.58 -21.34
CA SER A 375 5.11 -13.16 -21.43
C SER A 375 3.88 -12.40 -21.92
N LEU A 376 3.60 -11.25 -21.29
CA LEU A 376 2.44 -10.43 -21.63
C LEU A 376 2.81 -9.10 -22.28
N TRP A 377 3.78 -8.37 -21.73
CA TRP A 377 4.28 -7.16 -22.39
C TRP A 377 5.63 -6.79 -21.79
N ILE A 378 6.29 -5.84 -22.46
CA ILE A 378 7.57 -5.32 -21.99
CA ILE A 378 7.59 -5.31 -22.06
C ILE A 378 7.44 -3.81 -21.82
N GLY A 379 8.24 -3.26 -20.91
CA GLY A 379 8.14 -1.84 -20.63
C GLY A 379 9.31 -1.25 -19.88
N TYR A 380 9.03 -0.16 -19.17
CA TYR A 380 9.99 0.60 -18.39
C TYR A 380 9.57 0.61 -16.92
N SER A 381 10.55 0.57 -16.02
CA SER A 381 10.30 0.38 -14.58
C SER A 381 9.85 1.67 -13.91
N PHE A 382 8.54 1.78 -13.66
CA PHE A 382 7.91 2.94 -13.05
C PHE A 382 7.82 2.74 -11.53
N LEU A 383 8.42 3.65 -10.76
CA LEU A 383 8.58 3.45 -9.30
C LEU A 383 7.68 4.32 -8.44
N MET A 384 7.69 5.65 -8.59
CA MET A 384 6.85 6.49 -7.73
C MET A 384 6.60 7.83 -8.41
N HIS A 385 5.84 8.68 -7.73
CA HIS A 385 5.39 9.96 -8.29
C HIS A 385 5.10 10.92 -7.14
N THR A 386 5.26 12.22 -7.40
CA THR A 386 4.78 13.24 -6.46
C THR A 386 3.99 14.30 -7.24
N GLY A 387 2.87 14.71 -6.66
CA GLY A 387 2.02 15.72 -7.25
C GLY A 387 2.06 17.01 -6.45
N ALA A 388 0.90 17.61 -6.17
CA ALA A 388 0.89 18.84 -5.40
C ALA A 388 1.37 18.60 -3.97
N GLY A 389 1.99 19.62 -3.39
CA GLY A 389 2.36 19.53 -2.00
C GLY A 389 3.42 18.47 -1.77
N ASP A 390 3.33 17.81 -0.62
CA ASP A 390 4.24 16.73 -0.30
C ASP A 390 3.61 15.36 -0.52
N GLN A 391 2.57 15.27 -1.35
CA GLN A 391 1.85 14.02 -1.50
C GLN A 391 2.23 13.33 -2.81
N GLY A 392 1.90 12.04 -2.86
CA GLY A 392 2.27 11.21 -4.00
C GLY A 392 2.00 9.75 -3.68
N GLY A 393 2.78 8.88 -4.33
CA GLY A 393 2.60 7.46 -4.12
C GLY A 393 3.51 6.70 -5.04
N GLY A 394 3.26 5.40 -5.21
CA GLY A 394 4.14 4.64 -6.08
C GLY A 394 3.64 3.24 -6.33
N GLN A 395 4.42 2.49 -7.11
CA GLN A 395 4.05 1.17 -7.56
C GLN A 395 4.86 0.11 -6.82
N ALA A 396 4.25 -1.06 -6.65
CA ALA A 396 5.00 -2.23 -6.18
C ALA A 396 5.78 -2.82 -7.34
N LEU A 397 7.09 -3.02 -7.15
CA LEU A 397 7.87 -3.51 -8.29
C LEU A 397 7.50 -4.94 -8.68
N MET A 398 6.89 -5.73 -7.79
CA MET A 398 6.41 -7.03 -8.24
C MET A 398 5.10 -6.93 -9.02
N SER A 399 4.42 -5.79 -8.97
CA SER A 399 3.13 -5.57 -9.61
C SER A 399 3.31 -5.16 -11.08
N PRO A 400 2.44 -5.63 -11.99
CA PRO A 400 2.48 -5.13 -13.37
C PRO A 400 2.32 -3.63 -13.48
N GLY A 401 1.76 -2.97 -12.46
CA GLY A 401 1.63 -1.53 -12.49
C GLY A 401 2.95 -0.80 -12.46
N SER A 402 4.04 -1.47 -12.11
CA SER A 402 5.37 -0.89 -12.18
C SER A 402 6.02 -1.05 -13.55
N CYS A 403 5.31 -1.61 -14.53
CA CYS A 403 5.87 -1.85 -15.85
C CYS A 403 4.99 -1.18 -16.89
N LEU A 404 5.35 0.04 -17.28
CA LEU A 404 4.58 0.81 -18.25
C LEU A 404 5.22 0.66 -19.62
N GLU A 405 4.40 0.35 -20.63
CA GLU A 405 4.93 0.05 -21.95
C GLU A 405 5.66 1.24 -22.56
N ASP A 406 5.21 2.47 -22.26
CA ASP A 406 5.76 3.69 -22.83
C ASP A 406 6.38 4.51 -21.72
N PHE A 407 7.68 4.80 -21.82
CA PHE A 407 8.28 5.75 -20.89
C PHE A 407 7.71 7.15 -21.13
N ARG A 408 7.38 7.85 -20.04
CA ARG A 408 6.92 9.22 -20.10
C ARG A 408 7.55 10.01 -18.97
N ALA A 409 8.23 11.11 -19.30
CA ALA A 409 8.67 12.02 -18.24
C ALA A 409 7.48 12.56 -17.45
N ALA A 410 6.35 12.75 -18.13
CA ALA A 410 5.11 13.27 -17.53
C ALA A 410 4.00 12.25 -17.73
N PRO A 411 3.97 11.18 -16.95
CA PRO A 411 3.00 10.10 -17.19
C PRO A 411 1.63 10.32 -16.56
N PHE A 412 1.40 11.39 -15.81
CA PHE A 412 0.12 11.56 -15.11
C PHE A 412 -0.29 13.03 -15.08
N LEU A 413 -1.60 13.25 -14.95
CA LEU A 413 -2.16 14.58 -14.84
C LEU A 413 -2.92 14.74 -13.53
N GLU A 414 -3.20 16.00 -13.21
CA GLU A 414 -3.92 16.38 -12.00
C GLU A 414 -5.23 17.04 -12.41
N CYS A 415 -6.31 16.67 -11.74
CA CYS A 415 -7.61 17.29 -11.98
C CYS A 415 -7.98 18.12 -10.75
N GLN A 416 -8.40 19.38 -10.99
CA GLN A 416 -8.63 20.34 -9.91
C GLN A 416 -10.03 20.22 -9.32
N GLY A 417 -10.62 19.02 -9.29
CA GLY A 417 -11.86 18.76 -8.59
C GLY A 417 -13.01 19.65 -9.04
N ARG A 418 -13.46 20.51 -8.14
CA ARG A 418 -14.59 21.41 -8.42
C ARG A 418 -14.40 22.25 -9.68
N GLN A 419 -13.15 22.61 -10.01
CA GLN A 419 -12.96 23.49 -11.16
C GLN A 419 -13.28 22.81 -12.48
N GLY A 420 -13.35 21.47 -12.50
CA GLY A 420 -13.70 20.80 -13.74
C GLY A 420 -12.61 20.88 -14.79
N THR A 421 -11.36 21.03 -14.35
CA THR A 421 -10.19 21.09 -15.22
C THR A 421 -9.20 19.99 -14.84
N CYS A 422 -8.30 19.69 -15.77
CA CYS A 422 -7.08 18.96 -15.47
C CYS A 422 -5.90 19.68 -16.10
N HIS A 423 -4.70 19.42 -15.58
CA HIS A 423 -3.52 20.14 -16.04
C HIS A 423 -2.27 19.39 -15.63
N PHE A 424 -1.17 19.70 -16.30
CA PHE A 424 0.18 19.28 -15.89
C PHE A 424 0.87 20.52 -15.34
N PHE A 425 1.00 20.60 -14.01
CA PHE A 425 1.72 21.70 -13.39
C PHE A 425 3.20 21.32 -13.25
N ALA A 426 4.04 22.34 -13.06
CA ALA A 426 5.49 22.12 -13.13
C ALA A 426 6.04 21.33 -11.95
N ASN A 427 5.30 21.18 -10.85
CA ASN A 427 5.87 20.46 -9.72
C ASN A 427 5.69 18.94 -9.80
N LYS A 428 5.07 18.43 -10.88
CA LYS A 428 4.87 16.99 -11.00
C LYS A 428 6.17 16.25 -11.28
N TYR A 429 6.46 15.21 -10.48
CA TYR A 429 7.63 14.37 -10.72
C TYR A 429 7.24 12.92 -10.92
N SER A 430 7.87 12.27 -11.90
CA SER A 430 7.82 10.82 -12.04
C SER A 430 9.18 10.24 -11.68
N PHE A 431 9.19 9.06 -11.06
CA PHE A 431 10.43 8.42 -10.64
C PHE A 431 10.50 7.03 -11.25
N TRP A 432 11.65 6.70 -11.83
CA TRP A 432 11.83 5.48 -12.60
C TRP A 432 13.05 4.75 -12.04
N LEU A 433 12.93 3.43 -11.90
CA LEU A 433 14.07 2.62 -11.53
C LEU A 433 15.13 2.71 -12.64
N THR A 434 16.40 2.84 -12.27
CA THR A 434 17.48 3.07 -13.23
CA THR A 434 17.43 3.05 -13.28
C THR A 434 18.30 1.81 -13.44
N THR A 435 19.12 1.85 -14.50
CA THR A 435 20.10 0.80 -14.72
C THR A 435 21.22 0.95 -13.70
N VAL A 436 21.82 -0.19 -13.33
CA VAL A 436 22.94 -0.23 -12.41
C VAL A 436 24.02 -1.08 -13.04
N LYS A 437 25.25 -0.55 -13.11
CA LYS A 437 26.36 -1.33 -13.65
C LYS A 437 26.65 -2.48 -12.69
N ALA A 438 26.65 -3.71 -13.21
CA ALA A 438 26.75 -4.87 -12.32
C ALA A 438 28.07 -4.90 -11.59
N ASP A 439 29.17 -4.58 -12.26
CA ASP A 439 30.49 -4.75 -11.67
C ASP A 439 30.94 -3.54 -10.87
N LEU A 440 30.18 -2.45 -10.88
CA LEU A 440 30.54 -1.24 -10.16
C LEU A 440 29.76 -1.09 -8.86
N GLN A 441 28.98 -2.10 -8.47
CA GLN A 441 28.24 -1.99 -7.23
C GLN A 441 29.20 -1.78 -6.06
N PHE A 442 28.82 -0.85 -5.20
CA PHE A 442 29.54 -0.48 -3.98
C PHE A 442 30.81 0.30 -4.27
N SER A 443 31.57 -0.05 -5.31
CA SER A 443 32.89 0.53 -5.49
C SER A 443 32.84 2.05 -5.64
N SER A 444 31.83 2.57 -6.33
CA SER A 444 31.77 4.00 -6.61
C SER A 444 30.41 4.57 -6.23
N ALA A 445 30.41 5.87 -5.89
CA ALA A 445 29.16 6.58 -5.67
C ALA A 445 28.40 6.67 -6.98
N PRO A 446 27.07 6.83 -6.91
CA PRO A 446 26.30 7.05 -8.15
C PRO A 446 26.88 8.24 -8.91
N ALA A 447 26.94 8.10 -10.24
CA ALA A 447 27.49 9.16 -11.09
C ALA A 447 26.34 10.07 -11.50
N PRO A 448 26.26 11.31 -10.99
CA PRO A 448 25.10 12.16 -11.30
C PRO A 448 25.03 12.47 -12.78
N ASP A 449 23.81 12.64 -13.28
CA ASP A 449 23.63 12.94 -14.70
C ASP A 449 22.32 13.69 -14.85
N THR A 450 22.27 14.56 -15.85
CA THR A 450 21.04 15.24 -16.27
C THR A 450 20.81 14.91 -17.73
N LEU A 451 19.63 14.36 -18.03
CA LEU A 451 19.33 13.82 -19.35
C LEU A 451 18.17 14.61 -19.93
N LYS A 452 18.38 15.17 -21.13
CA LYS A 452 17.43 16.10 -21.72
CA LYS A 452 17.44 16.11 -21.73
C LYS A 452 16.74 15.57 -22.96
N GLU A 453 17.17 14.43 -23.48
CA GLU A 453 16.61 13.83 -24.68
C GLU A 453 15.97 12.50 -24.33
N SER A 454 14.80 12.23 -24.93
CA SER A 454 14.01 11.07 -24.56
C SER A 454 14.77 9.77 -24.77
N GLN A 455 15.52 9.68 -25.86
CA GLN A 455 16.28 8.46 -26.10
C GLN A 455 17.41 8.31 -25.08
N ALA A 456 18.05 9.42 -24.71
CA ALA A 456 19.07 9.36 -23.66
C ALA A 456 18.46 8.86 -22.36
N GLN A 457 17.28 9.37 -22.00
CA GLN A 457 16.60 8.94 -20.80
C GLN A 457 16.27 7.44 -20.86
N ARG A 458 15.61 7.01 -21.95
CA ARG A 458 15.23 5.61 -22.06
C ARG A 458 16.40 4.66 -21.90
N GLN A 459 17.61 5.09 -22.26
CA GLN A 459 18.79 4.23 -22.15
C GLN A 459 19.34 4.12 -20.73
N LYS A 460 18.85 4.93 -19.79
CA LYS A 460 19.29 4.90 -18.39
C LYS A 460 18.22 4.30 -17.48
N ILE A 461 17.06 3.94 -18.03
CA ILE A 461 15.94 3.44 -17.24
C ILE A 461 15.89 1.92 -17.27
N SER A 462 15.65 1.32 -16.11
CA SER A 462 15.49 -0.13 -16.01
C SER A 462 14.34 -0.60 -16.90
N ARG A 463 14.51 -1.78 -17.48
CA ARG A 463 13.48 -2.37 -18.32
C ARG A 463 12.76 -3.46 -17.54
N CYS A 464 11.58 -3.84 -18.03
CA CYS A 464 10.78 -4.84 -17.33
C CYS A 464 9.98 -5.65 -18.34
N GLN A 465 9.48 -6.78 -17.85
CA GLN A 465 8.58 -7.64 -18.60
C GLN A 465 7.57 -8.19 -17.63
N VAL A 466 6.32 -8.26 -18.05
CA VAL A 466 5.24 -8.79 -17.22
C VAL A 466 4.97 -10.22 -17.67
N CYS A 467 4.94 -11.15 -16.71
CA CYS A 467 4.86 -12.57 -16.98
C CYS A 467 3.80 -13.19 -16.09
N VAL A 468 3.16 -14.23 -16.61
CA VAL A 468 2.19 -15.01 -15.84
C VAL A 468 2.94 -16.13 -15.12
N ALA A 469 2.86 -16.13 -13.79
CA ALA A 469 3.58 -17.11 -13.00
C ALA A 469 2.66 -18.28 -12.61
N PRO A 470 3.14 -19.52 -12.73
CA PRO A 470 2.30 -20.66 -12.33
C PRO A 470 2.17 -20.85 -10.83
N GLY A 471 3.09 -20.28 -10.05
CA GLY A 471 2.99 -20.35 -8.61
C GLY A 471 2.87 -19.00 -7.94
N PHE A 472 3.35 -18.91 -6.71
CA PHE A 472 3.32 -17.67 -5.95
C PHE A 472 4.74 -17.32 -5.50
N LEU A 473 5.03 -16.04 -5.44
CA LEU A 473 6.37 -15.56 -5.06
C LEU A 473 6.34 -14.98 -3.67
N ILE A 474 7.32 -15.36 -2.85
CA ILE A 474 7.51 -14.71 -1.57
C ILE A 474 8.98 -14.30 -1.47
N THR A 475 9.24 -13.36 -0.56
CA THR A 475 10.58 -12.87 -0.31
C THR A 475 10.94 -13.13 1.14
N ARG A 476 12.21 -13.49 1.37
CA ARG A 476 12.74 -13.73 2.70
C ARG A 476 13.99 -12.87 2.85
N HIS A 477 14.21 -12.32 4.04
CA HIS A 477 15.34 -11.43 4.30
C HIS A 477 16.22 -12.02 5.39
N SER A 478 17.52 -12.09 5.13
CA SER A 478 18.42 -12.70 6.11
C SER A 478 18.75 -11.77 7.26
N GLN A 479 18.67 -10.46 7.02
CA GLN A 479 19.17 -9.44 7.95
C GLN A 479 20.65 -9.65 8.29
N THR A 480 21.39 -10.30 7.38
CA THR A 480 22.84 -10.45 7.45
C THR A 480 23.41 -10.23 6.05
N THR A 481 24.74 -10.36 5.92
CA THR A 481 25.37 -10.23 4.61
C THR A 481 25.27 -11.50 3.77
N ASP A 482 24.64 -12.55 4.28
CA ASP A 482 24.46 -13.78 3.53
C ASP A 482 23.03 -13.87 3.02
N ALA A 483 22.86 -14.33 1.78
CA ALA A 483 21.53 -14.56 1.27
C ALA A 483 20.86 -15.66 2.08
N PRO A 484 19.58 -15.51 2.42
CA PRO A 484 18.89 -16.57 3.17
C PRO A 484 18.51 -17.73 2.25
N GLN A 485 18.28 -18.88 2.88
CA GLN A 485 17.66 -20.00 2.18
C GLN A 485 16.17 -19.76 2.09
N CYS A 486 15.58 -20.22 0.99
CA CYS A 486 14.13 -20.22 0.90
C CYS A 486 13.53 -21.17 1.93
N PRO A 487 12.30 -20.93 2.36
CA PRO A 487 11.66 -21.84 3.33
C PRO A 487 11.32 -23.17 2.70
N GLN A 488 11.15 -24.17 3.56
CA GLN A 488 10.90 -25.53 3.13
C GLN A 488 9.76 -25.60 2.13
N GLY A 489 9.97 -26.36 1.06
CA GLY A 489 8.95 -26.54 0.05
C GLY A 489 8.88 -25.46 -1.01
N THR A 490 9.80 -24.50 -1.01
CA THR A 490 9.84 -23.46 -2.02
C THR A 490 11.21 -23.49 -2.69
N LEU A 491 11.30 -22.84 -3.85
CA LEU A 491 12.49 -22.90 -4.70
C LEU A 491 13.03 -21.50 -4.94
N GLN A 492 14.34 -21.32 -4.76
CA GLN A 492 14.92 -19.99 -4.94
C GLN A 492 14.83 -19.56 -6.39
N VAL A 493 14.34 -18.34 -6.61
CA VAL A 493 14.32 -17.73 -7.94
C VAL A 493 15.54 -16.83 -8.17
N TYR A 494 15.83 -15.96 -7.21
CA TYR A 494 17.06 -15.15 -7.27
C TYR A 494 17.39 -14.62 -5.88
N GLU A 495 18.63 -14.14 -5.74
CA GLU A 495 19.13 -13.49 -4.54
C GLU A 495 19.34 -12.00 -4.81
N GLY A 496 19.24 -11.19 -3.76
CA GLY A 496 19.39 -9.77 -3.91
C GLY A 496 19.70 -9.05 -2.60
N PHE A 497 19.43 -7.75 -2.61
CA PHE A 497 19.64 -6.84 -1.49
C PHE A 497 18.29 -6.33 -0.99
N SER A 498 18.15 -6.20 0.33
CA SER A 498 16.86 -5.91 0.99
C SER A 498 16.52 -4.42 0.92
N LEU A 499 15.70 -4.05 -0.06
CA LEU A 499 15.23 -2.67 -0.19
C LEU A 499 13.98 -2.47 0.67
N LEU A 500 14.05 -1.55 1.62
CA LEU A 500 12.91 -1.27 2.50
C LEU A 500 12.00 -0.20 1.92
N TYR A 501 12.57 0.95 1.56
CA TYR A 501 11.80 2.00 0.89
C TYR A 501 12.74 3.00 0.25
N VAL A 502 12.15 3.90 -0.54
CA VAL A 502 12.88 5.00 -1.16
C VAL A 502 12.19 6.29 -0.74
N GLN A 503 12.90 7.41 -0.88
CA GLN A 503 12.34 8.71 -0.54
C GLN A 503 12.77 9.69 -1.61
N GLY A 504 11.81 10.19 -2.40
CA GLY A 504 12.10 11.08 -3.49
C GLY A 504 11.31 12.36 -3.37
N ASN A 505 11.98 13.50 -3.52
CA ASN A 505 11.33 14.79 -3.28
C ASN A 505 10.64 14.80 -1.93
N LYS A 506 11.30 14.17 -0.95
CA LYS A 506 10.90 14.05 0.44
CA LYS A 506 10.93 14.01 0.46
C LYS A 506 9.81 12.99 0.66
N ARG A 507 9.14 12.52 -0.38
CA ARG A 507 8.04 11.56 -0.22
C ARG A 507 8.58 10.12 -0.13
N ALA A 508 8.21 9.42 0.95
CA ALA A 508 8.60 8.01 1.09
C ALA A 508 7.64 7.09 0.35
N HIS A 509 8.19 6.02 -0.20
CA HIS A 509 7.42 4.99 -0.89
C HIS A 509 8.05 3.63 -0.63
N GLY A 510 7.30 2.73 -0.02
CA GLY A 510 7.85 1.45 0.41
C GLY A 510 7.66 0.31 -0.60
N GLN A 511 8.40 -0.78 -0.36
CA GLN A 511 8.17 -2.04 -1.03
C GLN A 511 7.87 -3.08 0.03
N ASP A 512 6.70 -3.72 -0.07
CA ASP A 512 6.31 -4.80 0.84
C ASP A 512 7.43 -5.81 1.00
N LEU A 513 7.90 -6.01 2.23
CA LEU A 513 9.04 -6.91 2.44
C LEU A 513 8.72 -8.36 2.11
N GLY A 514 7.45 -8.70 1.92
CA GLY A 514 7.14 -10.05 1.49
C GLY A 514 7.09 -10.22 -0.01
N THR A 515 7.33 -9.15 -0.77
CA THR A 515 7.20 -9.15 -2.23
C THR A 515 8.57 -8.92 -2.86
N ALA A 516 8.65 -9.24 -4.15
CA ALA A 516 9.96 -9.21 -4.82
C ALA A 516 10.49 -7.81 -5.00
N GLY A 517 9.65 -6.77 -4.90
CA GLY A 517 10.15 -5.42 -5.00
C GLY A 517 11.08 -5.01 -3.85
N SER A 518 11.05 -5.75 -2.73
CA SER A 518 11.96 -5.51 -1.62
C SER A 518 13.28 -6.23 -1.79
N CYS A 519 13.50 -6.87 -2.95
CA CYS A 519 14.70 -7.67 -3.19
C CYS A 519 15.26 -7.27 -4.56
N LEU A 520 16.22 -6.33 -4.56
CA LEU A 520 16.84 -5.85 -5.78
C LEU A 520 18.14 -6.61 -6.05
N ARG A 521 18.29 -7.08 -7.29
CA ARG A 521 19.47 -7.88 -7.60
C ARG A 521 20.75 -7.04 -7.58
N ARG A 522 20.65 -5.75 -7.86
CA ARG A 522 21.81 -4.86 -7.89
C ARG A 522 21.62 -3.74 -6.87
N PHE A 523 22.62 -3.52 -6.04
CA PHE A 523 22.59 -2.47 -5.03
C PHE A 523 23.05 -1.14 -5.63
N SER A 524 22.40 -0.06 -5.20
CA SER A 524 22.91 1.29 -5.40
C SER A 524 22.32 2.18 -4.31
N THR A 525 23.11 3.13 -3.81
CA THR A 525 22.49 4.09 -2.91
C THR A 525 21.45 4.95 -3.62
N MET A 526 21.47 5.01 -4.94
CA MET A 526 20.46 5.77 -5.69
C MET A 526 19.97 4.90 -6.84
N PRO A 527 18.99 4.03 -6.58
CA PRO A 527 18.50 3.12 -7.63
C PRO A 527 17.37 3.69 -8.49
N PHE A 528 17.14 5.01 -8.46
CA PHE A 528 16.09 5.61 -9.27
C PHE A 528 16.51 7.01 -9.69
N MET A 529 15.75 7.58 -10.61
CA MET A 529 15.93 8.96 -11.07
C MET A 529 14.55 9.59 -11.19
N PHE A 530 14.51 10.92 -11.31
CA PHE A 530 13.22 11.59 -11.47
C PHE A 530 13.19 12.44 -12.73
N CYS A 531 11.97 12.68 -13.22
CA CYS A 531 11.75 13.34 -14.50
C CYS A 531 10.65 14.38 -14.31
N ASN A 532 10.71 15.46 -15.08
CA ASN A 532 9.76 16.56 -14.95
C ASN A 532 9.03 16.81 -16.27
N ILE A 533 8.05 17.72 -16.22
CA ILE A 533 7.21 17.98 -17.39
C ILE A 533 7.91 18.76 -18.49
N ASN A 534 9.12 19.26 -18.22
CA ASN A 534 9.96 19.82 -19.28
C ASN A 534 10.76 18.74 -20.00
N ASN A 535 10.48 17.46 -19.72
CA ASN A 535 11.18 16.34 -20.34
C ASN A 535 12.66 16.34 -20.01
N VAL A 536 13.00 16.77 -18.80
CA VAL A 536 14.37 16.71 -18.29
C VAL A 536 14.38 15.74 -17.13
N CYS A 537 15.32 14.79 -17.15
CA CYS A 537 15.44 13.84 -16.06
C CYS A 537 16.75 14.07 -15.31
N ASN A 538 16.73 13.84 -14.01
CA ASN A 538 17.88 14.07 -13.15
C ASN A 538 18.13 12.85 -12.30
N PHE A 539 19.38 12.37 -12.32
CA PHE A 539 19.79 11.19 -11.57
C PHE A 539 20.84 11.57 -10.55
N ALA A 540 20.61 11.20 -9.29
CA ALA A 540 21.57 11.43 -8.20
C ALA A 540 21.98 12.90 -8.13
N SER A 541 21.03 13.79 -8.40
CA SER A 541 21.33 15.22 -8.58
C SER A 541 20.46 16.10 -7.71
N ARG A 542 19.94 15.56 -6.60
CA ARG A 542 19.25 16.40 -5.64
C ARG A 542 19.61 15.94 -4.23
N ASN A 543 18.61 15.53 -3.43
CA ASN A 543 18.85 15.12 -2.05
C ASN A 543 17.94 13.95 -1.69
N ASP A 544 17.99 12.87 -2.47
CA ASP A 544 17.05 11.77 -2.27
C ASP A 544 17.72 10.59 -1.58
N TYR A 545 16.89 9.62 -1.17
CA TYR A 545 17.31 8.53 -0.28
C TYR A 545 16.89 7.17 -0.78
N SER A 546 17.65 6.15 -0.35
CA SER A 546 17.18 4.76 -0.37
C SER A 546 17.43 4.16 1.01
N TYR A 547 16.55 3.24 1.42
CA TYR A 547 16.65 2.61 2.73
C TYR A 547 16.65 1.11 2.58
N TRP A 548 17.53 0.43 3.34
CA TRP A 548 17.77 -0.99 3.22
C TRP A 548 17.72 -1.64 4.59
N LEU A 549 17.11 -2.83 4.67
CA LEU A 549 17.32 -3.62 5.88
C LEU A 549 18.82 -3.80 6.12
N SER A 550 19.21 -3.82 7.39
CA SER A 550 20.63 -3.84 7.72
C SER A 550 21.00 -5.09 8.51
N THR A 551 22.29 -5.20 8.80
CA THR A 551 22.91 -6.36 9.40
C THR A 551 23.35 -6.07 10.84
N PRO A 552 23.94 -7.03 11.56
CA PRO A 552 24.50 -6.72 12.89
C PRO A 552 25.77 -5.89 12.86
N GLU A 553 26.27 -5.46 11.71
CA GLU A 553 27.55 -4.77 11.63
C GLU A 553 27.53 -3.48 12.45
N PRO A 554 28.46 -3.30 13.40
CA PRO A 554 28.48 -2.05 14.17
C PRO A 554 28.96 -0.87 13.34
N MET A 555 28.51 0.32 13.72
CA MET A 555 29.00 1.55 13.13
C MET A 555 30.51 1.68 13.36
N PRO A 556 31.21 2.38 12.46
CA PRO A 556 32.60 2.75 12.77
C PRO A 556 32.66 3.63 14.01
N MET A 557 33.80 3.55 14.70
CA MET A 557 33.98 4.35 15.91
CA MET A 557 34.00 4.35 15.91
C MET A 557 33.84 5.84 15.64
N SER A 558 34.22 6.29 14.44
CA SER A 558 34.06 7.69 14.07
C SER A 558 32.60 8.09 13.91
N MET A 559 31.72 7.10 13.68
CA MET A 559 30.29 7.29 13.44
CA MET A 559 30.29 7.35 13.47
C MET A 559 30.01 8.15 12.21
N GLN A 560 30.99 8.25 11.29
CA GLN A 560 30.81 8.92 10.01
CA GLN A 560 30.78 8.93 10.03
C GLN A 560 30.04 8.02 9.05
N PRO A 561 29.31 8.61 8.09
CA PRO A 561 28.63 7.77 7.10
C PRO A 561 29.61 6.90 6.33
N LEU A 562 29.12 5.72 5.93
CA LEU A 562 29.88 4.78 5.12
C LEU A 562 29.77 5.16 3.65
N LYS A 563 30.82 4.86 2.90
CA LYS A 563 30.87 5.14 1.47
C LYS A 563 31.53 3.96 0.77
N GLY A 564 31.16 3.74 -0.48
CA GLY A 564 31.93 2.80 -1.28
C GLY A 564 31.84 1.38 -0.75
N GLN A 565 32.95 0.67 -0.81
CA GLN A 565 32.96 -0.73 -0.38
C GLN A 565 32.67 -0.87 1.11
N SER A 566 32.85 0.19 1.90
CA SER A 566 32.55 0.12 3.33
CA SER A 566 32.55 0.09 3.32
C SER A 566 31.06 -0.04 3.61
N ILE A 567 30.20 0.19 2.61
CA ILE A 567 28.76 0.01 2.81
C ILE A 567 28.39 -1.47 2.83
N GLN A 568 29.13 -2.32 2.11
CA GLN A 568 28.72 -3.71 1.90
CA GLN A 568 28.69 -3.70 1.90
C GLN A 568 28.35 -4.45 3.18
N PRO A 569 29.14 -4.42 4.26
CA PRO A 569 28.80 -5.26 5.42
C PRO A 569 27.54 -4.82 6.16
N PHE A 570 26.96 -3.66 5.80
CA PHE A 570 25.77 -3.17 6.46
C PHE A 570 24.46 -3.57 5.79
N ILE A 571 24.47 -4.11 4.57
CA ILE A 571 23.25 -4.29 3.80
C ILE A 571 22.76 -5.73 3.89
N SER A 572 21.50 -5.89 4.33
CA SER A 572 20.86 -7.19 4.40
C SER A 572 20.66 -7.78 2.99
N ARG A 573 20.70 -9.11 2.90
CA ARG A 573 20.46 -9.82 1.66
CA ARG A 573 20.46 -9.81 1.65
C ARG A 573 19.10 -10.50 1.71
N CYS A 574 18.61 -10.91 0.55
CA CYS A 574 17.29 -11.51 0.46
C CYS A 574 17.26 -12.57 -0.63
N ALA A 575 16.22 -13.39 -0.58
CA ALA A 575 15.93 -14.35 -1.64
C ALA A 575 14.47 -14.23 -2.01
N VAL A 576 14.18 -14.37 -3.30
CA VAL A 576 12.82 -14.50 -3.79
C VAL A 576 12.58 -15.97 -4.11
N CYS A 577 11.47 -16.49 -3.62
CA CYS A 577 11.22 -17.92 -3.59
C CYS A 577 9.90 -18.21 -4.27
N GLU A 578 9.87 -19.29 -5.05
CA GLU A 578 8.65 -19.70 -5.75
C GLU A 578 7.95 -20.77 -4.92
N ALA A 579 6.68 -20.51 -4.56
CA ALA A 579 5.87 -21.36 -3.70
C ALA A 579 4.72 -21.98 -4.47
N PRO A 580 4.34 -23.22 -4.14
CA PRO A 580 3.26 -23.89 -4.87
C PRO A 580 1.87 -23.42 -4.47
N ALA A 581 1.74 -22.61 -3.43
CA ALA A 581 0.44 -22.22 -2.90
C ALA A 581 0.59 -20.89 -2.18
N VAL A 582 -0.55 -20.31 -1.80
CA VAL A 582 -0.56 -19.01 -1.15
C VAL A 582 0.18 -19.05 0.19
N VAL A 583 0.83 -17.94 0.52
CA VAL A 583 1.56 -17.77 1.77
C VAL A 583 1.01 -16.53 2.47
N ILE A 584 0.77 -16.64 3.77
CA ILE A 584 0.30 -15.54 4.59
C ILE A 584 1.15 -15.46 5.85
N ALA A 585 1.02 -14.35 6.57
CA ALA A 585 1.50 -14.27 7.94
C ALA A 585 0.29 -14.17 8.88
N VAL A 586 0.45 -14.71 10.09
CA VAL A 586 -0.49 -14.50 11.18
C VAL A 586 0.30 -14.02 12.40
N HIS A 587 -0.39 -13.31 13.29
CA HIS A 587 0.22 -12.63 14.41
C HIS A 587 -0.54 -12.96 15.68
N SER A 588 0.19 -13.25 16.76
CA SER A 588 -0.50 -13.68 17.98
C SER A 588 -0.95 -12.52 18.86
N GLN A 589 -0.28 -11.37 18.77
CA GLN A 589 -0.35 -10.32 19.78
C GLN A 589 0.00 -10.84 21.18
N THR A 590 0.83 -11.89 21.26
CA THR A 590 1.27 -12.43 22.54
C THR A 590 2.74 -12.84 22.41
N ILE A 591 3.33 -13.30 23.52
CA ILE A 591 4.69 -13.82 23.43
C ILE A 591 4.75 -15.19 22.82
N GLN A 592 3.60 -15.83 22.59
CA GLN A 592 3.52 -17.15 22.00
C GLN A 592 3.50 -17.05 20.48
N ILE A 593 4.07 -18.05 19.82
CA ILE A 593 3.96 -18.14 18.36
C ILE A 593 2.51 -18.47 18.01
N PRO A 594 1.87 -17.74 17.10
CA PRO A 594 0.51 -18.11 16.68
C PRO A 594 0.54 -19.39 15.88
N HIS A 595 -0.52 -20.20 16.03
CA HIS A 595 -0.66 -21.39 15.22
C HIS A 595 -0.99 -21.02 13.79
N CYS A 596 -0.45 -21.79 12.84
CA CYS A 596 -0.95 -21.66 11.48
C CYS A 596 -2.40 -22.13 11.43
N PRO A 597 -3.22 -21.53 10.57
CA PRO A 597 -4.59 -22.03 10.42
C PRO A 597 -4.60 -23.48 9.96
N GLN A 598 -5.68 -24.19 10.31
CA GLN A 598 -5.80 -25.59 9.92
C GLN A 598 -5.69 -25.72 8.40
N GLY A 599 -4.92 -26.70 7.96
CA GLY A 599 -4.65 -26.87 6.55
C GLY A 599 -3.49 -26.04 6.00
N TRP A 600 -2.76 -25.33 6.85
CA TRP A 600 -1.60 -24.54 6.44
C TRP A 600 -0.36 -25.02 7.18
N ASP A 601 0.79 -24.96 6.50
CA ASP A 601 2.06 -25.45 7.04
C ASP A 601 3.02 -24.30 7.33
N SER A 602 3.86 -24.50 8.33
CA SER A 602 4.74 -23.44 8.80
C SER A 602 5.95 -23.26 7.89
N LEU A 603 6.26 -22.00 7.56
CA LEU A 603 7.48 -21.66 6.82
C LEU A 603 8.55 -21.04 7.70
N TRP A 604 8.20 -20.06 8.54
CA TRP A 604 9.14 -19.51 9.51
C TRP A 604 8.37 -18.76 10.59
N ILE A 605 9.08 -18.43 11.67
CA ILE A 605 8.50 -17.67 12.77
C ILE A 605 9.30 -16.38 12.94
N GLY A 606 8.70 -15.40 13.60
CA GLY A 606 9.39 -14.15 13.77
C GLY A 606 8.70 -13.18 14.71
N TYR A 607 8.95 -11.90 14.48
CA TYR A 607 8.43 -10.78 15.26
C TYR A 607 7.61 -9.85 14.37
N SER A 608 6.54 -9.30 14.93
CA SER A 608 5.54 -8.55 14.17
C SER A 608 6.04 -7.12 13.89
N PHE A 609 6.54 -6.90 12.67
CA PHE A 609 7.12 -5.63 12.23
C PHE A 609 6.08 -4.86 11.44
N MET A 610 5.74 -3.64 11.89
CA MET A 610 4.61 -2.93 11.30
C MET A 610 4.97 -1.70 10.48
N MET A 611 5.87 -0.82 10.96
CA MET A 611 6.21 0.36 10.16
C MET A 611 7.52 0.96 10.67
N HIS A 612 7.96 2.04 10.00
CA HIS A 612 9.26 2.64 10.27
C HIS A 612 9.21 4.07 9.76
N THR A 613 10.04 4.94 10.35
CA THR A 613 10.19 6.31 9.84
C THR A 613 11.65 6.69 9.96
N SER A 614 12.08 7.64 9.13
CA SER A 614 13.44 8.17 9.28
C SER A 614 13.45 9.66 8.90
N ALA A 615 14.13 10.05 7.83
CA ALA A 615 14.26 11.47 7.50
C ALA A 615 12.90 12.15 7.32
N GLY A 616 12.72 13.29 7.98
CA GLY A 616 11.45 14.02 7.94
C GLY A 616 10.28 13.28 8.54
N ALA A 617 10.54 12.24 9.33
CA ALA A 617 9.53 11.31 9.84
C ALA A 617 8.70 10.69 8.73
N GLU A 618 9.20 10.70 7.49
CA GLU A 618 8.57 9.94 6.43
C GLU A 618 8.92 8.47 6.58
N GLY A 619 8.06 7.60 6.05
CA GLY A 619 8.33 6.18 6.16
C GLY A 619 7.30 5.37 5.41
N SER A 620 7.24 4.08 5.74
CA SER A 620 6.29 3.16 5.13
C SER A 620 6.12 2.01 6.11
N GLY A 621 5.35 1.01 5.71
CA GLY A 621 5.11 -0.09 6.63
C GLY A 621 4.76 -1.38 5.91
N GLN A 622 4.35 -2.37 6.71
CA GLN A 622 4.10 -3.70 6.20
C GLN A 622 2.62 -4.05 6.34
N ALA A 623 2.15 -4.95 5.49
CA ALA A 623 0.83 -5.52 5.66
C ALA A 623 0.93 -6.72 6.59
N LEU A 624 0.10 -6.75 7.65
CA LEU A 624 0.18 -7.87 8.58
C LEU A 624 -0.16 -9.20 7.91
N ALA A 625 -0.92 -9.18 6.81
CA ALA A 625 -1.20 -10.41 6.07
C ALA A 625 0.03 -10.93 5.34
N SER A 626 1.03 -10.08 5.13
CA SER A 626 2.19 -10.41 4.30
C SER A 626 3.32 -10.99 5.14
N PRO A 627 4.08 -11.93 4.57
CA PRO A 627 5.32 -12.40 5.22
C PRO A 627 6.26 -11.26 5.58
N GLY A 628 6.18 -10.13 4.88
CA GLY A 628 7.01 -8.98 5.17
C GLY A 628 6.80 -8.38 6.54
N SER A 629 5.68 -8.66 7.19
CA SER A 629 5.43 -8.19 8.55
C SER A 629 6.00 -9.13 9.60
N CYS A 630 6.72 -10.19 9.20
CA CYS A 630 7.20 -11.19 10.13
C CYS A 630 8.71 -11.29 9.97
N LEU A 631 9.44 -10.40 10.64
CA LEU A 631 10.90 -10.41 10.59
C LEU A 631 11.45 -11.46 11.53
N GLU A 632 12.43 -12.22 11.06
CA GLU A 632 12.86 -13.37 11.84
C GLU A 632 13.76 -12.99 13.01
N GLU A 633 14.45 -11.85 12.94
CA GLU A 633 15.22 -11.37 14.09
C GLU A 633 14.72 -9.99 14.48
N PHE A 634 14.34 -9.85 15.75
CA PHE A 634 13.97 -8.53 16.25
C PHE A 634 15.20 -7.64 16.28
N ARG A 635 15.05 -6.41 15.79
CA ARG A 635 16.11 -5.40 15.84
C ARG A 635 15.46 -4.05 16.12
N SER A 636 15.92 -3.36 17.17
CA SER A 636 15.42 -2.01 17.41
CA SER A 636 15.45 -2.00 17.43
CA SER A 636 15.44 -2.00 17.42
C SER A 636 15.76 -1.08 16.26
N ALA A 637 16.90 -1.31 15.58
CA ALA A 637 17.33 -0.54 14.43
C ALA A 637 17.53 -1.50 13.26
N PRO A 638 16.46 -1.87 12.57
CA PRO A 638 16.55 -2.89 11.51
C PRO A 638 16.94 -2.37 10.14
N PHE A 639 17.15 -1.06 9.95
CA PHE A 639 17.40 -0.54 8.61
C PHE A 639 18.39 0.62 8.66
N ILE A 640 19.07 0.83 7.53
CA ILE A 640 20.08 1.87 7.37
C ILE A 640 19.65 2.82 6.25
N GLU A 641 20.07 4.07 6.37
CA GLU A 641 19.63 5.16 5.49
C GLU A 641 20.76 5.51 4.52
N CYS A 642 20.49 5.42 3.21
CA CYS A 642 21.46 5.81 2.20
C CYS A 642 21.00 7.03 1.42
N HIS A 643 21.96 7.71 0.78
CA HIS A 643 21.71 8.97 0.08
C HIS A 643 22.26 8.91 -1.34
N GLY A 644 21.69 9.75 -2.20
CA GLY A 644 22.12 9.79 -3.59
C GLY A 644 23.58 10.18 -3.76
N ARG A 645 24.13 10.93 -2.81
CA ARG A 645 25.54 11.29 -2.86
C ARG A 645 26.47 10.11 -2.59
N GLY A 646 25.92 8.96 -2.21
CA GLY A 646 26.73 7.76 -2.06
C GLY A 646 27.06 7.37 -0.64
N THR A 647 26.44 7.98 0.36
CA THR A 647 26.68 7.70 1.78
C THR A 647 25.55 6.88 2.37
N CYS A 648 25.84 6.15 3.47
CA CYS A 648 24.83 5.45 4.26
C CYS A 648 25.17 5.60 5.74
N ASN A 649 24.16 5.74 6.59
CA ASN A 649 24.43 5.73 8.03
C ASN A 649 23.13 5.46 8.78
N TYR A 650 23.28 5.14 10.06
CA TYR A 650 22.16 5.20 10.98
C TYR A 650 22.00 6.62 11.50
N TYR A 651 20.76 7.02 11.77
CA TYR A 651 20.42 8.34 12.28
C TYR A 651 19.55 8.22 13.53
N ALA A 652 19.67 9.21 14.41
CA ALA A 652 18.98 9.15 15.69
C ALA A 652 17.46 9.13 15.55
N ASN A 653 16.90 9.68 14.47
CA ASN A 653 15.45 9.61 14.29
C ASN A 653 14.98 8.42 13.43
N SER A 654 15.83 7.41 13.21
CA SER A 654 15.38 6.20 12.51
C SER A 654 14.63 5.32 13.51
N TYR A 655 13.31 5.14 13.30
CA TYR A 655 12.43 4.46 14.24
C TYR A 655 11.84 3.18 13.63
N SER A 656 11.69 2.14 14.44
CA SER A 656 10.96 0.95 14.04
C SER A 656 9.71 0.81 14.89
N PHE A 657 8.62 0.32 14.29
CA PHE A 657 7.35 0.13 14.99
C PHE A 657 6.94 -1.32 14.90
N TRP A 658 6.52 -1.88 16.04
CA TRP A 658 6.23 -3.30 16.17
C TRP A 658 4.86 -3.49 16.80
N LEU A 659 4.16 -4.54 16.38
CA LEU A 659 2.91 -4.89 17.03
C LEU A 659 3.19 -5.36 18.45
N ALA A 660 2.39 -4.88 19.39
CA ALA A 660 2.61 -5.13 20.81
C ALA A 660 1.88 -6.40 21.27
N THR A 661 2.39 -6.98 22.36
CA THR A 661 1.65 -8.06 23.02
C THR A 661 0.49 -7.47 23.82
N VAL A 662 -0.61 -8.24 23.87
CA VAL A 662 -1.83 -7.81 24.55
C VAL A 662 -2.34 -9.02 25.31
N ASP A 663 -2.03 -9.10 26.60
CA ASP A 663 -2.64 -10.12 27.45
C ASP A 663 -4.13 -9.86 27.56
N VAL A 664 -4.88 -10.88 28.00
CA VAL A 664 -6.29 -10.67 28.30
C VAL A 664 -6.46 -9.47 29.22
N SER A 665 -5.52 -9.28 30.16
CA SER A 665 -5.56 -8.16 31.09
C SER A 665 -5.21 -6.83 30.43
N ASP A 666 -4.59 -6.84 29.25
CA ASP A 666 -4.31 -5.61 28.51
C ASP A 666 -5.49 -5.17 27.64
N MET A 667 -6.47 -6.03 27.43
CA MET A 667 -7.57 -5.69 26.54
C MET A 667 -8.49 -4.70 27.21
N PHE A 668 -8.85 -3.65 26.47
CA PHE A 668 -9.78 -2.59 26.88
C PHE A 668 -9.21 -1.63 27.91
N SER A 669 -8.25 -2.05 28.71
CA SER A 669 -7.82 -1.22 29.83
C SER A 669 -6.78 -0.19 29.40
N LYS A 670 -6.44 0.69 30.32
CA LYS A 670 -5.48 1.74 30.03
C LYS A 670 -4.10 1.14 29.74
N PRO A 671 -3.48 1.47 28.60
CA PRO A 671 -2.16 0.89 28.30
C PRO A 671 -1.15 1.25 29.38
N GLN A 672 -0.39 0.24 29.83
CA GLN A 672 0.60 0.43 30.88
C GLN A 672 1.88 0.94 30.26
N SER A 673 2.00 2.27 30.22
CA SER A 673 3.11 2.94 29.56
C SER A 673 4.45 2.48 30.13
N GLU A 674 5.42 2.21 29.26
CA GLU A 674 6.67 1.66 29.74
C GLU A 674 7.80 2.01 28.78
N THR A 675 8.97 2.25 29.35
CA THR A 675 10.21 2.39 28.60
C THR A 675 11.05 1.15 28.89
N LEU A 676 11.47 0.45 27.84
CA LEU A 676 12.13 -0.85 27.95
C LEU A 676 13.54 -0.75 27.38
N LYS A 677 14.50 -1.34 28.08
CA LYS A 677 15.87 -1.41 27.59
C LYS A 677 16.14 -2.78 26.98
N ALA A 678 17.40 -3.02 26.63
CA ALA A 678 17.78 -4.01 25.62
C ALA A 678 17.26 -5.42 25.96
N GLY A 679 17.61 -5.92 27.15
CA GLY A 679 17.26 -7.29 27.49
C GLY A 679 15.79 -7.55 27.66
N ASP A 680 14.98 -6.50 27.86
CA ASP A 680 13.57 -6.65 28.16
C ASP A 680 12.69 -6.15 27.02
N LEU A 681 13.21 -6.12 25.80
CA LEU A 681 12.48 -5.55 24.68
C LEU A 681 11.41 -6.51 24.17
N ARG A 682 11.79 -7.74 23.83
CA ARG A 682 10.89 -8.68 23.16
C ARG A 682 9.83 -9.26 24.07
N THR A 683 9.79 -8.87 25.35
CA THR A 683 8.68 -9.30 26.20
C THR A 683 7.38 -8.60 25.80
N ARG A 684 7.47 -7.52 25.03
CA ARG A 684 6.30 -6.74 24.60
C ARG A 684 6.10 -6.79 23.09
N ILE A 685 6.86 -7.62 22.37
CA ILE A 685 6.77 -7.70 20.91
C ILE A 685 5.94 -8.91 20.52
N SER A 686 4.88 -8.66 19.75
CA SER A 686 4.06 -9.73 19.22
C SER A 686 4.90 -10.67 18.34
N ARG A 687 4.53 -11.95 18.36
CA ARG A 687 5.15 -12.96 17.53
C ARG A 687 4.27 -13.29 16.33
N CYS A 688 4.89 -13.91 15.32
CA CYS A 688 4.17 -14.22 14.10
C CYS A 688 4.70 -15.53 13.51
N GLN A 689 3.92 -16.08 12.60
CA GLN A 689 4.32 -17.25 11.84
C GLN A 689 3.92 -17.05 10.39
N VAL A 690 4.80 -17.41 9.48
CA VAL A 690 4.53 -17.39 8.04
C VAL A 690 4.11 -18.80 7.63
N CYS A 691 2.97 -18.88 6.94
CA CYS A 691 2.28 -20.15 6.70
C CYS A 691 1.98 -20.30 5.21
N MET A 692 2.02 -21.53 4.71
CA MET A 692 1.71 -21.83 3.33
C MET A 692 0.59 -22.85 3.27
N LYS A 693 -0.41 -22.58 2.42
CA LYS A 693 -1.54 -23.49 2.28
C LYS A 693 -1.07 -24.87 1.81
N ARG A 694 -1.53 -25.92 2.48
CA ARG A 694 -1.14 -27.28 2.11
CA ARG A 694 -1.14 -27.28 2.12
C ARG A 694 -1.97 -27.74 0.91
N THR A 695 -1.28 -28.16 -0.15
CA THR A 695 -1.96 -28.62 -1.35
C THR A 695 -1.36 -29.94 -1.83
#